data_6LN1
#
_entry.id   6LN1
#
_cell.length_a   133.467
_cell.length_b   133.467
_cell.length_c   92.238
_cell.angle_alpha   90.000
_cell.angle_beta   90.000
_cell.angle_gamma   120.000
#
_symmetry.space_group_name_H-M   'P 63'
#
loop_
_entity.id
_entity.type
_entity.pdbx_description
1 polymer 'Dual specificity tyrosine-phosphorylation-regulated kinase 1A'
2 non-polymer 1,3,5,8-tetrakis(oxidanyl)xanthen-9-one
3 water water
#
_entity_poly.entity_id   1
_entity_poly.type   'polypeptide(L)'
_entity_poly.pdbx_seq_one_letter_code
;VYNDGYDDDNYDYIVKNGEKWMDRYEIDSLIGKGSFGQVVKAYDRVEQEWVAIKIIKNKKAFLNQAQIEVRLLELMNKHD
TEMKYYIVHLKRHFMFRNHLCLVFEMLSYNLYDLLRNTNFRGVSLNLTRKFAQQMCTALLFLATPELSIIHCDLKPENIL
LCNPKRSAIKIVDFGSSCQLGQRIYQ(PTR)IQSRFYRSPEVLLGMPYDLAIDMWSLGCILVEMHTGEPLFSGANEVDQM
NKIVEVLGIPPAHILDQAPKARKFFEKLPDGTWNLKKTKDGKRFEYKPPGTRKLHNILGVETGGPGGRRAGESGHTVADY
LKFKDLILRMLDYDPKTRIQPYYALQHSFFK
;
_entity_poly.pdbx_strand_id   A,B
#
loop_
_chem_comp.id
_chem_comp.type
_chem_comp.name
_chem_comp.formula
EKU non-polymer 1,3,5,8-tetrakis(oxidanyl)xanthen-9-one 'C13 H8 O6'
#
# COMPACT_ATOMS: atom_id res chain seq x y z
N VAL A 1 -10.08 -36.01 -20.98
CA VAL A 1 -11.28 -35.98 -20.15
C VAL A 1 -11.04 -36.47 -18.71
N TYR A 2 -11.60 -35.74 -17.74
CA TYR A 2 -11.29 -35.94 -16.33
C TYR A 2 -12.50 -36.44 -15.55
N ASN A 3 -12.31 -37.43 -14.69
CA ASN A 3 -13.37 -37.87 -13.79
C ASN A 3 -14.64 -38.26 -14.56
N ASP A 4 -14.44 -38.94 -15.69
CA ASP A 4 -15.56 -39.29 -16.58
C ASP A 4 -16.21 -38.04 -17.18
N GLY A 5 -15.43 -36.97 -17.30
CA GLY A 5 -15.89 -35.73 -17.86
C GLY A 5 -16.54 -34.75 -16.89
N TYR A 6 -16.65 -35.10 -15.60
CA TYR A 6 -17.23 -34.18 -14.63
C TYR A 6 -16.24 -33.11 -14.13
N ASP A 7 -14.94 -33.42 -14.00
CA ASP A 7 -13.98 -32.39 -13.61
C ASP A 7 -13.41 -31.70 -14.82
N ASP A 8 -12.76 -30.56 -14.58
CA ASP A 8 -11.98 -29.82 -15.56
C ASP A 8 -10.48 -30.14 -15.34
N ASP A 9 -9.61 -29.26 -15.82
CA ASP A 9 -8.19 -29.61 -15.69
C ASP A 9 -7.60 -29.19 -14.36
N ASN A 10 -8.32 -28.43 -13.54
CA ASN A 10 -7.86 -28.03 -12.21
C ASN A 10 -8.38 -28.92 -11.09
N TYR A 11 -8.94 -30.08 -11.40
CA TYR A 11 -9.61 -30.93 -10.41
C TYR A 11 -10.91 -30.31 -9.87
N ASP A 12 -11.40 -29.24 -10.50
CA ASP A 12 -12.65 -28.63 -10.11
C ASP A 12 -13.80 -29.31 -10.85
N TYR A 13 -14.83 -29.73 -10.10
CA TYR A 13 -16.11 -30.12 -10.69
C TYR A 13 -16.67 -29.00 -11.56
N ILE A 14 -17.19 -29.36 -12.73
CA ILE A 14 -17.76 -28.40 -13.68
C ILE A 14 -19.20 -28.15 -13.25
N VAL A 15 -19.44 -27.02 -12.59
CA VAL A 15 -20.77 -26.71 -12.09
C VAL A 15 -21.67 -26.36 -13.26
N LYS A 16 -22.79 -27.08 -13.41
CA LYS A 16 -23.82 -26.73 -14.38
C LYS A 16 -25.09 -26.29 -13.65
N ASN A 17 -25.40 -25.01 -13.73
CA ASN A 17 -26.61 -24.47 -13.15
C ASN A 17 -27.82 -25.30 -13.53
N GLY A 18 -28.54 -25.78 -12.51
CA GLY A 18 -29.77 -26.51 -12.65
C GLY A 18 -29.68 -27.98 -12.29
N GLU A 19 -28.46 -28.53 -12.21
CA GLU A 19 -28.29 -29.96 -12.03
C GLU A 19 -28.84 -30.40 -10.67
N LYS A 20 -29.28 -31.65 -10.59
CA LYS A 20 -29.82 -32.17 -9.35
C LYS A 20 -28.93 -33.31 -8.86
N TRP A 21 -28.86 -33.48 -7.55
CA TRP A 21 -27.82 -34.28 -6.92
C TRP A 21 -28.47 -35.18 -5.88
N MET A 22 -28.36 -36.50 -6.06
CA MET A 22 -28.89 -37.39 -5.05
C MET A 22 -30.40 -37.22 -4.90
N ASP A 23 -31.05 -36.69 -5.93
CA ASP A 23 -32.45 -36.32 -5.85
C ASP A 23 -32.70 -35.49 -4.60
N ARG A 24 -31.75 -34.61 -4.28
CA ARG A 24 -31.92 -33.80 -3.10
C ARG A 24 -31.56 -32.34 -3.32
N TYR A 25 -30.45 -32.10 -4.02
CA TYR A 25 -29.85 -30.77 -4.18
C TYR A 25 -29.99 -30.29 -5.60
N GLU A 26 -30.53 -29.08 -5.78
CA GLU A 26 -30.55 -28.44 -7.09
C GLU A 26 -29.47 -27.36 -7.07
N ILE A 27 -28.43 -27.55 -7.89
CA ILE A 27 -27.34 -26.59 -7.98
C ILE A 27 -27.85 -25.32 -8.66
N ASP A 28 -27.69 -24.18 -7.99
CA ASP A 28 -28.13 -22.92 -8.56
C ASP A 28 -27.01 -22.20 -9.31
N SER A 29 -25.92 -21.89 -8.62
CA SER A 29 -24.91 -21.10 -9.29
C SER A 29 -23.66 -21.05 -8.45
N LEU A 30 -22.59 -20.52 -9.04
CA LEU A 30 -21.31 -20.34 -8.37
C LEU A 30 -21.32 -19.05 -7.58
N ILE A 31 -20.81 -19.13 -6.35
CA ILE A 31 -20.73 -17.99 -5.46
C ILE A 31 -19.31 -17.87 -4.96
N GLY A 32 -18.49 -18.88 -5.19
CA GLY A 32 -17.19 -18.77 -4.59
C GLY A 32 -16.13 -19.65 -5.18
N LYS A 33 -14.92 -19.13 -5.23
CA LYS A 33 -13.81 -19.91 -5.76
C LYS A 33 -12.57 -19.70 -4.90
N GLY A 34 -11.77 -20.74 -4.82
CA GLY A 34 -10.57 -20.66 -4.01
C GLY A 34 -9.68 -21.82 -4.34
N SER A 35 -8.55 -21.88 -3.66
CA SER A 35 -7.60 -22.93 -3.96
C SER A 35 -8.16 -24.32 -3.63
N PHE A 36 -9.17 -24.41 -2.75
CA PHE A 36 -9.80 -25.68 -2.34
C PHE A 36 -10.80 -26.22 -3.35
N GLY A 37 -11.30 -25.37 -4.26
CA GLY A 37 -12.35 -25.74 -5.18
C GLY A 37 -13.37 -24.63 -5.32
N GLN A 38 -14.65 -24.95 -5.18
CA GLN A 38 -15.74 -24.04 -5.50
C GLN A 38 -16.74 -23.95 -4.35
N VAL A 39 -17.59 -22.94 -4.38
CA VAL A 39 -18.76 -22.89 -3.52
C VAL A 39 -19.94 -22.59 -4.42
N VAL A 40 -20.99 -23.40 -4.32
CA VAL A 40 -22.23 -23.16 -5.04
C VAL A 40 -23.32 -22.80 -4.05
N LYS A 41 -24.25 -21.96 -4.49
CA LYS A 41 -25.59 -21.87 -3.92
C LYS A 41 -26.40 -23.05 -4.40
N ALA A 42 -27.15 -23.70 -3.52
CA ALA A 42 -27.95 -24.84 -3.95
C ALA A 42 -29.24 -24.91 -3.14
N TYR A 43 -30.29 -25.46 -3.74
CA TYR A 43 -31.55 -25.64 -3.01
C TYR A 43 -31.68 -27.08 -2.52
N ASP A 44 -31.81 -27.24 -1.20
CA ASP A 44 -31.97 -28.56 -0.56
C ASP A 44 -33.47 -28.85 -0.58
N ARG A 45 -33.90 -29.56 -1.62
CA ARG A 45 -35.31 -29.87 -1.78
C ARG A 45 -35.89 -30.59 -0.56
N VAL A 46 -35.08 -31.36 0.15
CA VAL A 46 -35.62 -32.12 1.26
C VAL A 46 -35.94 -31.21 2.44
N GLU A 47 -34.96 -30.42 2.88
CA GLU A 47 -35.26 -29.54 4.01
C GLU A 47 -36.01 -28.28 3.59
N GLN A 48 -36.19 -28.08 2.28
CA GLN A 48 -36.74 -26.86 1.73
C GLN A 48 -36.03 -25.58 2.17
N GLU A 49 -34.72 -25.56 1.90
CA GLU A 49 -33.94 -24.34 2.10
C GLU A 49 -32.71 -24.27 1.19
N TRP A 50 -32.30 -23.03 0.91
CA TRP A 50 -31.03 -22.78 0.26
C TRP A 50 -29.85 -23.16 1.14
N VAL A 51 -28.84 -23.75 0.54
CA VAL A 51 -27.61 -24.08 1.24
C VAL A 51 -26.42 -23.63 0.40
N ALA A 52 -25.27 -23.52 1.05
CA ALA A 52 -24.00 -23.25 0.39
C ALA A 52 -23.25 -24.56 0.39
N ILE A 53 -22.87 -25.05 -0.78
CA ILE A 53 -22.08 -26.28 -0.85
C ILE A 53 -20.67 -25.96 -1.31
N LYS A 54 -19.70 -26.46 -0.56
CA LYS A 54 -18.29 -26.30 -0.90
C LYS A 54 -17.79 -27.59 -1.53
N ILE A 55 -17.31 -27.47 -2.76
CA ILE A 55 -16.93 -28.62 -3.58
C ILE A 55 -15.41 -28.65 -3.65
N ILE A 56 -14.81 -29.43 -2.76
CA ILE A 56 -13.37 -29.63 -2.72
C ILE A 56 -12.87 -30.27 -4.00
N LYS A 57 -11.66 -29.92 -4.39
CA LYS A 57 -11.05 -30.46 -5.60
C LYS A 57 -10.85 -31.97 -5.48
N ASN A 58 -11.07 -32.67 -6.59
CA ASN A 58 -10.82 -34.10 -6.74
C ASN A 58 -9.32 -34.35 -6.81
N LYS A 59 -8.67 -34.30 -5.64
CA LYS A 59 -7.22 -34.45 -5.56
C LYS A 59 -6.77 -34.61 -4.11
N LYS A 60 -5.79 -35.50 -3.88
CA LYS A 60 -5.67 -36.12 -2.55
C LYS A 60 -5.36 -35.08 -1.47
N ALA A 61 -4.52 -34.09 -1.80
CA ALA A 61 -4.11 -33.11 -0.80
C ALA A 61 -5.28 -32.29 -0.29
N PHE A 62 -6.02 -31.68 -1.21
CA PHE A 62 -7.15 -30.85 -0.84
C PHE A 62 -8.20 -31.65 -0.09
N LEU A 63 -8.43 -32.89 -0.50
CA LEU A 63 -9.34 -33.77 0.22
C LEU A 63 -8.86 -34.01 1.66
N ASN A 64 -7.56 -34.24 1.85
CA ASN A 64 -7.07 -34.49 3.21
C ASN A 64 -7.22 -33.23 4.06
N GLN A 65 -6.93 -32.06 3.49
CA GLN A 65 -7.12 -30.80 4.21
C GLN A 65 -8.60 -30.62 4.58
N ALA A 66 -9.48 -30.72 3.61
CA ALA A 66 -10.90 -30.62 3.90
C ALA A 66 -11.35 -31.65 4.93
N GLN A 67 -10.81 -32.86 4.92
CA GLN A 67 -11.17 -33.78 6.00
C GLN A 67 -10.75 -33.23 7.37
N ILE A 68 -9.65 -32.47 7.44
CA ILE A 68 -9.33 -31.78 8.69
C ILE A 68 -10.46 -30.85 9.07
N GLU A 69 -10.85 -29.98 8.13
CA GLU A 69 -11.93 -29.00 8.38
C GLU A 69 -13.18 -29.70 8.91
N VAL A 70 -13.53 -30.85 8.35
CA VAL A 70 -14.74 -31.52 8.76
C VAL A 70 -14.65 -31.97 10.21
N ARG A 71 -13.58 -32.68 10.57
CA ARG A 71 -13.43 -33.07 11.98
C ARG A 71 -13.52 -31.86 12.88
N LEU A 72 -12.91 -30.74 12.49
CA LEU A 72 -12.95 -29.55 13.35
C LEU A 72 -14.37 -28.98 13.44
N LEU A 73 -15.15 -29.01 12.36
CA LEU A 73 -16.53 -28.53 12.50
C LEU A 73 -17.39 -29.55 13.27
N GLU A 74 -17.21 -30.85 13.02
CA GLU A 74 -17.91 -31.83 13.84
C GLU A 74 -17.57 -31.69 15.31
N LEU A 75 -16.31 -31.37 15.65
CA LEU A 75 -15.97 -31.08 17.04
C LEU A 75 -16.74 -29.87 17.54
N MET A 76 -16.67 -28.75 16.81
CA MET A 76 -17.41 -27.57 17.26
C MET A 76 -18.89 -27.90 17.36
N ASN A 77 -19.41 -28.66 16.40
CA ASN A 77 -20.83 -28.91 16.36
C ASN A 77 -21.25 -29.96 17.42
N LYS A 78 -20.35 -30.27 18.36
CA LYS A 78 -20.59 -31.10 19.55
C LYS A 78 -20.84 -30.28 20.83
N HIS A 79 -20.91 -28.95 20.74
CA HIS A 79 -20.85 -28.09 21.92
C HIS A 79 -22.08 -27.22 22.10
N ASP A 80 -22.73 -27.37 23.26
CA ASP A 80 -23.92 -26.64 23.70
C ASP A 80 -24.02 -25.13 23.54
N THR A 81 -23.44 -24.54 23.89
CA THR A 81 -23.40 -23.14 24.07
C THR A 81 -23.16 -22.31 22.87
N GLU A 82 -23.82 -21.19 23.06
CA GLU A 82 -24.45 -20.43 22.04
C GLU A 82 -23.44 -19.48 21.45
N MET A 83 -22.25 -19.47 22.04
CA MET A 83 -21.05 -18.95 21.38
C MET A 83 -20.85 -19.59 19.99
N LYS A 84 -21.02 -20.92 19.89
CA LYS A 84 -20.92 -21.71 18.66
C LYS A 84 -21.80 -21.14 17.54
N TYR A 85 -22.64 -20.15 17.86
CA TYR A 85 -23.53 -19.57 16.87
C TYR A 85 -22.95 -18.31 16.21
N TYR A 86 -21.62 -18.11 16.29
CA TYR A 86 -20.90 -17.18 15.41
C TYR A 86 -19.89 -17.91 14.53
N ILE A 87 -19.94 -19.23 14.54
CA ILE A 87 -19.23 -20.10 13.62
C ILE A 87 -20.24 -20.62 12.62
N VAL A 88 -19.89 -20.54 11.34
CA VAL A 88 -20.74 -21.10 10.30
C VAL A 88 -21.02 -22.57 10.63
N HIS A 89 -22.27 -22.95 10.49
CA HIS A 89 -22.69 -24.30 10.83
C HIS A 89 -22.54 -25.27 9.65
N LEU A 90 -21.90 -26.42 9.90
CA LEU A 90 -21.82 -27.47 8.89
C LEU A 90 -23.10 -28.29 8.99
N LYS A 91 -23.87 -28.33 7.90
CA LYS A 91 -25.13 -29.05 7.88
C LYS A 91 -24.92 -30.52 7.55
N ARG A 92 -24.16 -30.83 6.51
CA ARG A 92 -23.69 -32.20 6.36
C ARG A 92 -22.48 -32.21 5.45
N HIS A 93 -21.95 -33.40 5.22
CA HIS A 93 -20.84 -33.62 4.32
C HIS A 93 -21.00 -35.02 3.73
N PHE A 94 -20.53 -35.18 2.50
CA PHE A 94 -20.71 -36.42 1.75
C PHE A 94 -19.72 -36.41 0.60
N MET A 95 -19.50 -37.58 0.00
CA MET A 95 -18.75 -37.65 -1.25
C MET A 95 -19.73 -37.64 -2.42
N PHE A 96 -19.37 -36.92 -3.48
CA PHE A 96 -20.17 -36.86 -4.70
C PHE A 96 -19.25 -36.88 -5.91
N ARG A 97 -19.41 -37.91 -6.75
CA ARG A 97 -18.60 -38.07 -7.96
C ARG A 97 -17.14 -37.72 -7.68
N ASN A 98 -16.60 -38.26 -6.58
CA ASN A 98 -15.19 -38.10 -6.17
C ASN A 98 -14.79 -36.76 -5.56
N HIS A 99 -15.73 -35.87 -5.22
CA HIS A 99 -15.43 -34.64 -4.50
C HIS A 99 -16.03 -34.71 -3.11
N LEU A 100 -15.27 -34.28 -2.11
CA LEU A 100 -15.82 -34.10 -0.78
C LEU A 100 -16.55 -32.77 -0.77
N CYS A 101 -17.80 -32.77 -0.28
CA CYS A 101 -18.69 -31.62 -0.36
C CYS A 101 -19.16 -31.22 1.02
N LEU A 102 -19.08 -29.95 1.34
CA LEU A 102 -19.50 -29.50 2.67
C LEU A 102 -20.71 -28.62 2.51
N VAL A 103 -21.82 -29.05 3.09
CA VAL A 103 -23.05 -28.30 3.04
C VAL A 103 -23.05 -27.38 4.23
N PHE A 104 -23.34 -26.10 3.99
CA PHE A 104 -23.32 -25.11 5.04
C PHE A 104 -24.63 -24.36 4.99
N GLU A 105 -24.98 -23.75 6.11
CA GLU A 105 -26.06 -22.79 6.11
C GLU A 105 -25.71 -21.68 5.11
N MET A 106 -26.70 -21.23 4.36
CA MET A 106 -26.46 -20.17 3.39
C MET A 106 -26.43 -18.82 4.09
N LEU A 107 -25.41 -18.00 3.80
CA LEU A 107 -25.23 -16.67 4.39
C LEU A 107 -25.16 -15.61 3.29
N SER A 108 -24.84 -14.37 3.68
CA SER A 108 -24.83 -13.25 2.75
C SER A 108 -23.37 -12.80 2.50
N TYR A 109 -23.17 -11.59 2.10
CA TYR A 109 -21.85 -11.27 1.73
C TYR A 109 -20.83 -11.05 2.84
N ASN A 110 -19.58 -11.08 2.48
CA ASN A 110 -18.60 -10.97 3.54
C ASN A 110 -18.26 -9.50 3.78
N LEU A 111 -17.45 -9.27 4.83
CA LEU A 111 -17.19 -7.91 5.26
C LEU A 111 -16.31 -7.14 4.28
N TYR A 112 -15.61 -7.82 3.37
CA TYR A 112 -14.87 -7.02 2.41
C TYR A 112 -15.81 -6.45 1.37
N ASP A 113 -16.84 -7.24 1.01
CA ASP A 113 -17.97 -6.76 0.21
C ASP A 113 -18.67 -5.59 0.89
N LEU A 114 -18.94 -5.71 2.19
CA LEU A 114 -19.59 -4.60 2.88
C LEU A 114 -18.75 -3.33 2.77
N LEU A 115 -17.41 -3.43 2.86
CA LEU A 115 -16.54 -2.26 2.74
C LEU A 115 -16.63 -1.61 1.36
N ARG A 116 -16.71 -2.42 0.30
CA ARG A 116 -16.81 -1.89 -1.06
C ARG A 116 -18.13 -1.17 -1.30
N ASN A 117 -19.22 -1.62 -0.67
CA ASN A 117 -20.48 -0.91 -0.83
C ASN A 117 -20.53 0.39 -0.06
N THR A 118 -19.50 0.73 0.70
CA THR A 118 -19.33 2.06 1.29
C THR A 118 -18.31 2.90 0.52
N ASN A 119 -17.79 2.37 -0.61
CA ASN A 119 -16.64 2.96 -1.32
C ASN A 119 -15.46 3.18 -0.41
N PHE A 120 -15.07 2.13 0.30
CA PHE A 120 -13.96 2.11 1.24
C PHE A 120 -13.82 3.33 2.17
N ARG A 121 -14.94 3.92 2.55
CA ARG A 121 -15.04 4.86 3.65
C ARG A 121 -15.18 4.19 5.01
N GLY A 122 -15.61 2.94 5.03
CA GLY A 122 -15.73 2.24 6.29
C GLY A 122 -17.13 2.34 6.86
N VAL A 123 -17.41 1.45 7.80
CA VAL A 123 -18.65 1.48 8.52
C VAL A 123 -18.42 2.24 9.82
N SER A 124 -19.50 2.57 10.50
CA SER A 124 -19.43 3.37 11.70
C SER A 124 -18.75 2.59 12.83
N LEU A 125 -18.26 3.34 13.81
CA LEU A 125 -17.71 2.73 15.01
C LEU A 125 -18.74 1.92 15.76
N ASN A 126 -20.04 2.23 15.60
CA ASN A 126 -21.07 1.43 16.27
C ASN A 126 -21.23 0.09 15.60
N LEU A 127 -21.16 0.07 14.28
CA LEU A 127 -21.24 -1.20 13.58
C LEU A 127 -20.01 -2.03 13.87
N THR A 128 -18.86 -1.36 13.94
CA THR A 128 -17.59 -2.02 14.25
C THR A 128 -17.61 -2.60 15.64
N ARG A 129 -18.18 -1.85 16.60
CA ARG A 129 -18.30 -2.38 17.95
C ARG A 129 -19.09 -3.68 17.96
N LYS A 130 -20.24 -3.71 17.28
CA LYS A 130 -21.04 -4.95 17.20
C LYS A 130 -20.28 -6.08 16.48
N PHE A 131 -19.53 -5.75 15.42
CA PHE A 131 -18.70 -6.79 14.80
C PHE A 131 -17.65 -7.28 15.78
N ALA A 132 -16.94 -6.33 16.41
CA ALA A 132 -15.93 -6.71 17.39
C ALA A 132 -16.50 -7.66 18.43
N GLN A 133 -17.69 -7.35 18.96
CA GLN A 133 -18.13 -8.17 20.08
C GLN A 133 -18.52 -9.56 19.64
N GLN A 134 -19.16 -9.69 18.49
CA GLN A 134 -19.43 -11.01 17.94
C GLN A 134 -18.15 -11.82 17.75
N MET A 135 -17.12 -11.18 17.15
CA MET A 135 -15.86 -11.84 16.82
C MET A 135 -15.09 -12.29 18.05
N CYS A 136 -15.02 -11.46 19.10
CA CYS A 136 -14.36 -11.91 20.32
C CYS A 136 -15.10 -13.07 20.93
N THR A 137 -16.44 -13.01 20.94
CA THR A 137 -17.18 -14.16 21.41
C THR A 137 -16.82 -15.39 20.60
N ALA A 138 -16.76 -15.27 19.27
CA ALA A 138 -16.40 -16.42 18.45
C ALA A 138 -14.98 -16.90 18.74
N LEU A 139 -14.02 -15.99 18.95
CA LEU A 139 -12.71 -16.45 19.38
C LEU A 139 -12.78 -17.10 20.76
N LEU A 140 -13.60 -16.58 21.66
CA LEU A 140 -13.69 -17.21 22.97
C LEU A 140 -14.25 -18.63 22.85
N PHE A 141 -15.15 -18.84 21.91
CA PHE A 141 -15.60 -20.19 21.66
C PHE A 141 -14.45 -21.08 21.23
N LEU A 142 -13.67 -20.60 20.27
CA LEU A 142 -12.58 -21.43 19.80
C LEU A 142 -11.57 -21.71 20.91
N ALA A 143 -11.40 -20.78 21.85
CA ALA A 143 -10.38 -21.04 22.86
C ALA A 143 -10.79 -22.11 23.87
N THR A 144 -12.07 -22.49 23.98
CA THR A 144 -12.42 -23.42 25.05
C THR A 144 -11.56 -24.67 24.89
N PRO A 145 -11.04 -25.22 25.99
CA PRO A 145 -9.87 -26.13 25.90
C PRO A 145 -10.10 -27.36 25.04
N GLU A 146 -11.29 -27.94 25.04
CA GLU A 146 -11.50 -29.14 24.24
C GLU A 146 -11.17 -28.88 22.76
N LEU A 147 -11.48 -27.68 22.29
CA LEU A 147 -11.25 -27.28 20.90
C LEU A 147 -9.84 -26.76 20.63
N SER A 148 -9.46 -25.70 21.32
CA SER A 148 -8.25 -24.90 21.07
C SER A 148 -7.90 -24.86 19.59
N ILE A 149 -8.76 -24.17 18.85
CA ILE A 149 -8.68 -24.08 17.40
C ILE A 149 -8.14 -22.71 17.03
N ILE A 150 -7.09 -22.71 16.20
CA ILE A 150 -6.65 -21.52 15.48
C ILE A 150 -7.40 -21.53 14.15
N HIS A 151 -8.06 -20.43 13.83
CA HIS A 151 -8.68 -20.34 12.53
C HIS A 151 -7.64 -20.24 11.43
N CYS A 152 -6.62 -19.40 11.67
CA CYS A 152 -5.38 -19.28 10.93
C CYS A 152 -5.58 -18.43 9.67
N ASP A 153 -6.78 -17.94 9.41
CA ASP A 153 -6.97 -17.18 8.18
C ASP A 153 -8.11 -16.19 8.33
N LEU A 154 -8.13 -15.46 9.43
CA LEU A 154 -9.10 -14.39 9.60
C LEU A 154 -8.77 -13.22 8.68
N LYS A 155 -9.80 -12.69 8.05
CA LYS A 155 -9.74 -11.48 7.25
C LYS A 155 -11.17 -11.14 6.89
N PRO A 156 -11.46 -9.90 6.49
CA PRO A 156 -12.83 -9.54 6.07
C PRO A 156 -13.52 -10.60 5.18
N GLU A 157 -12.84 -11.18 4.20
CA GLU A 157 -13.52 -12.14 3.32
C GLU A 157 -14.05 -13.39 4.01
N ASN A 158 -13.55 -13.74 5.20
CA ASN A 158 -13.98 -14.94 5.88
C ASN A 158 -14.95 -14.64 7.04
N ILE A 159 -15.33 -13.38 7.19
CA ILE A 159 -16.41 -12.98 8.06
C ILE A 159 -17.59 -12.57 7.18
N LEU A 160 -18.67 -13.35 7.25
CA LEU A 160 -19.87 -13.11 6.44
C LEU A 160 -21.03 -12.61 7.30
N LEU A 161 -21.82 -11.70 6.73
CA LEU A 161 -23.11 -11.33 7.31
C LEU A 161 -24.11 -12.48 7.20
N CYS A 162 -24.96 -12.62 8.22
CA CYS A 162 -26.02 -13.62 8.17
C CYS A 162 -27.08 -13.28 7.15
N ASN A 163 -27.37 -11.99 7.02
CA ASN A 163 -28.53 -11.43 6.41
C ASN A 163 -28.08 -10.01 6.07
N PRO A 164 -28.36 -9.53 4.85
CA PRO A 164 -27.76 -8.24 4.43
C PRO A 164 -28.27 -7.02 5.21
N LYS A 165 -29.37 -7.18 5.94
CA LYS A 165 -29.97 -6.06 6.66
C LYS A 165 -29.54 -5.99 8.14
N ARG A 166 -29.38 -7.12 8.81
CA ARG A 166 -28.92 -7.17 10.20
C ARG A 166 -27.38 -7.11 10.25
N SER A 167 -26.82 -7.18 11.45
CA SER A 167 -25.38 -7.09 11.69
C SER A 167 -24.80 -8.36 12.29
N ALA A 168 -25.62 -9.39 12.49
CA ALA A 168 -25.10 -10.72 12.80
C ALA A 168 -24.04 -11.13 11.78
N ILE A 169 -22.96 -11.76 12.26
CA ILE A 169 -21.88 -12.30 11.41
C ILE A 169 -21.49 -13.67 11.91
N LYS A 170 -21.03 -14.51 11.00
CA LYS A 170 -20.46 -15.80 11.31
C LYS A 170 -19.09 -15.86 10.67
N ILE A 171 -18.17 -16.64 11.28
CA ILE A 171 -16.88 -16.88 10.66
C ILE A 171 -17.00 -18.09 9.77
N VAL A 172 -16.43 -18.04 8.56
CA VAL A 172 -16.38 -19.18 7.65
C VAL A 172 -14.95 -19.65 7.40
N ASP A 173 -14.83 -20.72 6.61
CA ASP A 173 -13.60 -21.22 6.03
C ASP A 173 -12.58 -21.68 7.05
N PHE A 174 -12.80 -22.83 7.62
CA PHE A 174 -11.87 -23.50 8.50
C PHE A 174 -10.92 -24.48 7.79
N GLY A 175 -10.68 -24.26 6.50
CA GLY A 175 -9.77 -25.09 5.72
C GLY A 175 -8.30 -24.97 6.04
N SER A 176 -7.81 -23.81 6.45
CA SER A 176 -6.46 -23.72 7.00
C SER A 176 -6.43 -23.86 8.53
N SER A 177 -7.53 -24.25 9.17
CA SER A 177 -7.52 -24.25 10.64
C SER A 177 -6.78 -25.44 11.25
N CYS A 178 -6.35 -25.28 12.51
CA CYS A 178 -5.71 -26.34 13.29
C CYS A 178 -6.07 -26.23 14.76
N GLN A 179 -5.97 -27.35 15.48
CA GLN A 179 -5.94 -27.34 16.93
C GLN A 179 -4.51 -27.07 17.44
N LEU A 180 -4.40 -26.62 18.66
CA LEU A 180 -3.13 -26.36 19.26
C LEU A 180 -2.20 -27.50 19.05
N GLY A 181 -2.75 -28.68 19.08
CA GLY A 181 -2.02 -29.87 18.76
C GLY A 181 -1.42 -29.85 17.40
N GLN A 182 -2.21 -29.84 16.34
CA GLN A 182 -1.70 -29.93 14.99
C GLN A 182 -1.03 -28.65 14.41
N ARG A 183 -0.38 -28.69 13.24
CA ARG A 183 0.33 -27.52 12.64
C ARG A 183 0.82 -27.47 11.16
N ILE A 184 0.76 -26.57 10.47
CA ILE A 184 2.06 -26.29 9.84
C ILE A 184 2.09 -26.11 8.32
N TYR A 185 1.99 -24.85 7.90
CA TYR A 185 3.18 -24.11 7.51
C TYR A 185 3.41 -23.19 8.70
N GLN A 186 4.48 -22.41 8.63
CA GLN A 186 4.52 -21.13 9.26
C GLN A 186 4.25 -19.97 8.26
N PTR A 187 3.56 -20.20 7.31
CA PTR A 187 3.29 -19.20 6.30
C PTR A 187 1.83 -18.91 6.15
O PTR A 187 1.29 -18.74 5.06
CB PTR A 187 3.88 -19.62 5.00
CG PTR A 187 3.82 -18.59 3.95
CD1 PTR A 187 3.06 -18.81 2.82
CD2 PTR A 187 4.51 -17.40 4.08
CE1 PTR A 187 3.00 -17.88 1.83
CE2 PTR A 187 4.46 -16.45 3.08
CZ PTR A 187 3.69 -16.70 1.96
OH PTR A 187 3.59 -15.87 0.99
P PTR A 187 2.86 -14.45 1.16
O1P PTR A 187 3.88 -13.42 1.68
O2P PTR A 187 1.71 -14.56 2.10
O3P PTR A 187 2.38 -14.02 -0.24
N ILE A 188 1.18 -18.92 7.30
CA ILE A 188 -0.26 -18.92 7.40
C ILE A 188 -0.81 -17.49 7.51
N GLN A 189 -2.14 -17.34 7.54
CA GLN A 189 -2.76 -16.03 7.57
C GLN A 189 -2.48 -15.30 6.25
N SER A 190 -3.39 -14.45 5.78
CA SER A 190 -3.06 -13.62 4.65
C SER A 190 -2.13 -12.53 5.10
N ARG A 191 -1.28 -12.05 4.20
CA ARG A 191 -0.19 -11.18 4.59
C ARG A 191 -0.63 -10.02 5.47
N PHE A 192 -1.62 -9.23 5.02
CA PHE A 192 -2.08 -8.06 5.77
C PHE A 192 -2.48 -8.36 7.19
N TYR A 193 -2.80 -9.61 7.51
CA TYR A 193 -3.35 -9.94 8.82
C TYR A 193 -2.45 -10.91 9.55
N ARG A 194 -1.21 -11.01 9.11
CA ARG A 194 -0.30 -12.02 9.62
C ARG A 194 0.34 -11.52 10.90
N SER A 195 0.31 -12.37 11.94
CA SER A 195 0.83 -11.96 13.24
C SER A 195 2.35 -11.88 13.17
N PRO A 196 2.98 -11.11 14.07
CA PRO A 196 4.43 -10.94 13.93
C PRO A 196 5.14 -12.19 14.34
N GLU A 197 4.56 -12.96 15.26
CA GLU A 197 5.25 -14.17 15.62
C GLU A 197 5.27 -15.15 14.44
N VAL A 198 4.31 -15.03 13.52
CA VAL A 198 4.30 -15.90 12.35
C VAL A 198 5.33 -15.44 11.34
N LEU A 199 5.45 -14.14 11.19
CA LEU A 199 6.45 -13.57 10.31
C LEU A 199 7.85 -13.97 10.76
N LEU A 200 8.11 -13.91 12.07
CA LEU A 200 9.43 -14.21 12.57
C LEU A 200 9.65 -15.70 12.76
N GLY A 201 8.76 -16.53 12.22
CA GLY A 201 8.89 -17.96 12.38
C GLY A 201 8.93 -18.44 13.81
N MET A 202 8.19 -17.82 14.71
CA MET A 202 8.12 -18.35 16.07
C MET A 202 6.95 -19.30 16.21
N PRO A 203 6.86 -20.03 17.31
CA PRO A 203 5.67 -20.87 17.53
C PRO A 203 4.47 -19.96 17.76
N TYR A 204 3.36 -20.29 17.13
CA TYR A 204 2.13 -19.53 17.32
C TYR A 204 1.13 -20.38 18.07
N ASP A 205 0.12 -19.71 18.62
CA ASP A 205 -1.02 -20.38 19.26
C ASP A 205 -2.31 -19.66 18.84
N LEU A 206 -3.37 -19.81 19.62
CA LEU A 206 -4.62 -19.10 19.34
C LEU A 206 -4.44 -17.60 19.32
N ALA A 207 -3.34 -17.07 19.84
CA ALA A 207 -3.30 -15.63 19.90
C ALA A 207 -3.17 -15.00 18.51
N ILE A 208 -2.71 -15.74 17.50
CA ILE A 208 -2.55 -15.10 16.19
C ILE A 208 -3.90 -14.63 15.63
N ASP A 209 -4.98 -15.40 15.85
CA ASP A 209 -6.29 -14.90 15.42
C ASP A 209 -6.57 -13.53 16.01
N MET A 210 -6.19 -13.32 17.28
CA MET A 210 -6.53 -12.06 17.90
C MET A 210 -5.79 -10.89 17.25
N TRP A 211 -4.56 -11.12 16.76
CA TRP A 211 -3.90 -10.12 15.94
C TRP A 211 -4.72 -9.81 14.70
N SER A 212 -5.16 -10.85 13.97
CA SER A 212 -5.90 -10.58 12.74
C SER A 212 -7.13 -9.74 13.03
N LEU A 213 -7.84 -10.07 14.13
CA LEU A 213 -8.99 -9.30 14.58
C LEU A 213 -8.64 -7.83 14.77
N GLY A 214 -7.56 -7.55 15.50
CA GLY A 214 -7.08 -6.19 15.63
C GLY A 214 -7.06 -5.44 14.29
N CYS A 215 -6.36 -6.02 13.29
CA CYS A 215 -6.27 -5.37 11.97
C CYS A 215 -7.61 -5.32 11.25
N ILE A 216 -8.48 -6.32 11.45
CA ILE A 216 -9.76 -6.28 10.76
C ILE A 216 -10.62 -5.11 11.28
N LEU A 217 -10.72 -4.96 12.60
CA LEU A 217 -11.57 -3.91 13.16
C LEU A 217 -11.15 -2.53 12.65
N VAL A 218 -9.85 -2.22 12.68
CA VAL A 218 -9.34 -0.94 12.21
C VAL A 218 -9.70 -0.72 10.74
N GLU A 219 -9.47 -1.74 9.90
CA GLU A 219 -9.86 -1.69 8.50
C GLU A 219 -11.36 -1.50 8.33
N MET A 220 -12.18 -2.18 9.14
CA MET A 220 -13.62 -1.98 8.99
C MET A 220 -14.04 -0.54 9.27
N HIS A 221 -13.35 0.14 10.20
CA HIS A 221 -13.75 1.51 10.48
C HIS A 221 -13.10 2.54 9.57
N THR A 222 -11.84 2.34 9.15
CA THR A 222 -11.24 3.33 8.26
C THR A 222 -11.46 3.01 6.78
N GLY A 223 -11.77 1.77 6.45
CA GLY A 223 -11.95 1.38 5.07
C GLY A 223 -10.71 0.81 4.42
N GLU A 224 -9.52 1.06 4.98
CA GLU A 224 -8.33 0.58 4.30
C GLU A 224 -7.51 -0.30 5.23
N PRO A 225 -6.76 -1.26 4.68
CA PRO A 225 -5.95 -2.14 5.51
C PRO A 225 -5.00 -1.32 6.38
N LEU A 226 -4.96 -1.69 7.65
CA LEU A 226 -4.01 -1.03 8.54
C LEU A 226 -2.58 -1.24 8.06
N PHE A 227 -2.20 -2.49 7.80
CA PHE A 227 -0.82 -2.85 7.44
C PHE A 227 -0.79 -3.57 6.09
N SER A 228 -0.67 -2.84 4.98
CA SER A 228 -0.81 -3.47 3.65
C SER A 228 0.57 -3.84 3.09
N GLY A 229 1.19 -4.86 3.66
CA GLY A 229 2.48 -5.31 3.16
C GLY A 229 2.33 -5.97 1.80
N ALA A 230 3.22 -5.61 0.86
CA ALA A 230 3.24 -6.31 -0.41
C ALA A 230 4.12 -7.56 -0.38
N ASN A 231 4.79 -7.82 0.75
CA ASN A 231 5.61 -9.02 1.02
C ASN A 231 6.03 -8.99 2.48
N GLU A 232 6.61 -10.09 2.94
CA GLU A 232 6.93 -10.22 4.36
C GLU A 232 7.74 -9.04 4.88
N VAL A 233 8.77 -8.62 4.15
CA VAL A 233 9.61 -7.52 4.61
C VAL A 233 8.78 -6.23 4.71
N ASP A 234 8.03 -5.89 3.65
CA ASP A 234 7.16 -4.72 3.72
C ASP A 234 6.12 -4.85 4.85
N GLN A 235 5.55 -6.04 5.04
CA GLN A 235 4.59 -6.25 6.12
C GLN A 235 5.20 -5.82 7.46
N MET A 236 6.25 -6.51 7.92
CA MET A 236 6.92 -6.10 9.14
C MET A 236 7.32 -4.63 9.13
N ASN A 237 7.59 -4.02 7.98
CA ASN A 237 8.00 -2.65 8.13
C ASN A 237 6.78 -1.75 8.37
N LYS A 238 5.65 -2.06 7.70
CA LYS A 238 4.41 -1.33 7.95
C LYS A 238 3.95 -1.48 9.40
N ILE A 239 4.10 -2.67 9.98
CA ILE A 239 3.81 -2.87 11.40
C ILE A 239 4.67 -1.97 12.27
N VAL A 240 5.98 -1.90 11.96
CA VAL A 240 6.93 -1.17 12.79
C VAL A 240 6.70 0.33 12.71
N GLU A 241 6.23 0.82 11.56
CA GLU A 241 5.83 2.23 11.48
C GLU A 241 4.78 2.60 12.53
N VAL A 242 3.98 1.64 12.98
CA VAL A 242 2.93 1.91 13.94
C VAL A 242 3.33 1.52 15.36
N LEU A 243 3.85 0.32 15.56
CA LEU A 243 4.06 -0.19 16.90
C LEU A 243 5.51 -0.16 17.37
N GLY A 244 6.39 0.51 16.63
CA GLY A 244 7.80 0.49 16.96
C GLY A 244 8.45 -0.89 16.83
N ILE A 245 9.66 -0.94 17.37
CA ILE A 245 10.51 -2.13 17.24
C ILE A 245 10.07 -3.16 18.26
N PRO A 246 9.94 -4.43 17.87
CA PRO A 246 9.44 -5.44 18.81
C PRO A 246 10.41 -5.66 19.95
N PRO A 247 9.86 -5.90 21.16
CA PRO A 247 10.69 -6.11 22.35
C PRO A 247 11.95 -6.88 22.07
N ALA A 248 13.05 -6.52 22.72
CA ALA A 248 14.27 -7.28 22.53
C ALA A 248 14.05 -8.75 22.88
N HIS A 249 13.45 -9.01 24.05
CA HIS A 249 13.44 -10.39 24.52
C HIS A 249 12.67 -11.31 23.60
N ILE A 250 11.84 -10.76 22.72
CA ILE A 250 11.15 -11.59 21.75
C ILE A 250 12.01 -11.79 20.52
N LEU A 251 12.67 -10.72 20.10
CA LEU A 251 13.55 -10.82 18.95
C LEU A 251 14.74 -11.70 19.24
N ASP A 252 15.17 -11.74 20.52
CA ASP A 252 16.28 -12.61 20.88
C ASP A 252 16.00 -14.07 20.63
N GLN A 253 14.74 -14.46 20.47
CA GLN A 253 14.41 -15.86 20.21
C GLN A 253 13.67 -16.03 18.89
N ALA A 254 13.84 -15.13 17.94
CA ALA A 254 13.03 -15.15 16.72
C ALA A 254 13.84 -15.69 15.53
N PRO A 255 13.76 -17.00 15.23
CA PRO A 255 14.51 -17.56 14.09
C PRO A 255 14.72 -16.63 12.89
N LYS A 256 13.75 -15.78 12.55
CA LYS A 256 13.86 -14.96 11.35
C LYS A 256 13.98 -13.48 11.70
N ALA A 257 14.22 -13.16 12.98
CA ALA A 257 14.60 -11.81 13.38
C ALA A 257 15.65 -11.04 12.58
N ARG A 258 16.65 -11.74 12.01
CA ARG A 258 17.64 -11.04 11.18
C ARG A 258 17.20 -10.90 9.75
N LYS A 259 16.05 -11.48 9.38
CA LYS A 259 15.42 -11.12 8.12
C LYS A 259 14.93 -9.67 8.11
N PHE A 260 14.67 -9.07 9.28
CA PHE A 260 14.14 -7.70 9.31
C PHE A 260 14.97 -6.74 10.13
N PHE A 261 15.73 -7.21 11.13
CA PHE A 261 16.36 -6.34 12.11
C PHE A 261 17.84 -6.67 12.30
N GLU A 262 18.66 -5.63 12.51
CA GLU A 262 20.06 -5.81 12.84
C GLU A 262 20.27 -5.66 14.34
N LYS A 263 20.98 -6.61 14.94
CA LYS A 263 21.33 -6.49 16.36
C LYS A 263 22.57 -5.61 16.45
N LEU A 264 22.41 -4.45 17.08
CA LEU A 264 23.55 -3.56 17.20
C LEU A 264 24.58 -4.16 18.15
N PRO A 265 25.87 -3.81 17.99
CA PRO A 265 26.90 -4.34 18.88
C PRO A 265 26.47 -4.42 20.34
N ASP A 266 25.85 -3.34 20.85
CA ASP A 266 25.42 -3.17 22.24
C ASP A 266 24.26 -4.10 22.65
N GLY A 267 23.67 -4.83 21.70
CA GLY A 267 22.63 -5.81 21.98
C GLY A 267 21.21 -5.35 21.68
N THR A 268 21.00 -4.06 21.47
CA THR A 268 19.67 -3.59 21.11
C THR A 268 19.42 -3.80 19.63
N TRP A 269 18.14 -3.81 19.28
CA TRP A 269 17.72 -4.16 17.93
C TRP A 269 17.29 -2.91 17.16
N ASN A 270 17.55 -2.91 15.87
CA ASN A 270 17.04 -1.88 15.00
C ASN A 270 16.71 -2.48 13.65
N LEU A 271 16.10 -1.65 12.81
CA LEU A 271 15.77 -2.08 11.47
C LEU A 271 17.05 -2.10 10.64
N LYS A 272 16.95 -2.65 9.46
CA LYS A 272 18.12 -2.80 8.61
C LYS A 272 18.13 -1.69 7.55
N LYS A 273 19.12 -1.78 6.66
CA LYS A 273 19.27 -0.92 5.47
C LYS A 273 17.98 -0.25 4.94
N ARG A 279 15.27 4.45 -1.85
CA ARG A 279 15.86 5.20 -0.74
C ARG A 279 14.82 5.97 0.08
N PHE A 280 13.55 5.89 -0.34
CA PHE A 280 12.43 6.43 0.41
C PHE A 280 12.35 5.63 1.70
N GLU A 281 12.47 6.28 2.85
CA GLU A 281 12.51 5.44 4.04
C GLU A 281 11.10 5.21 4.56
N TYR A 282 11.02 4.30 5.51
CA TYR A 282 9.71 4.09 6.12
C TYR A 282 9.47 5.25 7.09
N LYS A 283 8.42 5.17 7.84
CA LYS A 283 8.38 6.22 8.82
C LYS A 283 9.04 5.73 10.10
N PRO A 284 9.67 6.60 10.86
CA PRO A 284 10.43 6.16 12.04
C PRO A 284 9.55 5.27 12.92
N PRO A 285 10.13 4.25 13.55
CA PRO A 285 9.32 3.34 14.36
C PRO A 285 8.37 4.05 15.29
N GLY A 286 7.09 3.70 15.21
CA GLY A 286 6.12 4.22 16.17
C GLY A 286 5.56 5.58 15.86
N THR A 287 5.73 6.07 14.63
CA THR A 287 5.44 7.46 14.29
C THR A 287 4.15 7.64 13.52
N ARG A 288 3.69 6.61 12.82
CA ARG A 288 2.36 6.64 12.23
C ARG A 288 1.44 6.12 13.32
N LYS A 289 0.94 7.05 14.12
CA LYS A 289 0.27 6.64 15.35
C LYS A 289 -1.18 6.25 15.07
N LEU A 290 -1.61 5.13 15.65
CA LEU A 290 -3.02 4.73 15.49
C LEU A 290 -3.95 5.88 15.80
N HIS A 291 -3.58 6.72 16.77
CA HIS A 291 -4.31 7.95 17.09
C HIS A 291 -4.63 8.79 15.83
N ASN A 292 -3.73 8.83 14.84
CA ASN A 292 -4.07 9.64 13.67
C ASN A 292 -4.76 8.84 12.58
N ILE A 293 -4.45 7.55 12.51
CA ILE A 293 -5.18 6.68 11.60
C ILE A 293 -6.67 6.67 11.95
N LEU A 294 -7.01 6.52 13.24
CA LEU A 294 -8.41 6.55 13.62
C LEU A 294 -9.04 7.95 13.56
N GLY A 295 -8.25 9.02 13.65
CA GLY A 295 -8.83 10.35 13.73
C GLY A 295 -9.44 10.68 15.07
N VAL A 296 -8.84 10.20 16.17
CA VAL A 296 -9.43 10.29 17.52
C VAL A 296 -9.99 11.67 17.81
N GLU A 297 -9.30 12.72 17.40
CA GLU A 297 -9.61 14.09 17.80
C GLU A 297 -10.06 14.95 16.64
N THR A 298 -10.22 14.38 15.45
CA THR A 298 -10.48 15.15 14.25
C THR A 298 -11.68 14.58 13.50
N GLY A 299 -12.57 13.90 14.21
CA GLY A 299 -13.80 13.45 13.61
C GLY A 299 -13.73 12.05 13.03
N GLY A 300 -12.95 11.16 13.62
CA GLY A 300 -12.82 9.82 13.12
C GLY A 300 -12.28 9.81 11.71
N PRO A 301 -12.15 8.62 11.13
CA PRO A 301 -11.55 8.54 9.80
C PRO A 301 -12.23 9.51 8.84
N GLY A 302 -11.43 10.22 8.04
CA GLY A 302 -11.98 11.10 7.03
C GLY A 302 -12.65 12.34 7.55
N GLY A 303 -12.62 12.57 8.86
CA GLY A 303 -13.37 13.69 9.39
C GLY A 303 -14.86 13.46 9.39
N ARG A 304 -15.28 12.29 8.87
CA ARG A 304 -16.65 12.10 8.45
C ARG A 304 -17.59 11.86 9.65
N ARG A 305 -17.08 11.65 10.88
CA ARG A 305 -17.90 11.33 12.06
C ARG A 305 -17.97 12.42 13.14
N ALA A 306 -17.50 13.63 12.87
CA ALA A 306 -17.69 14.71 13.83
C ALA A 306 -19.11 14.72 14.36
N GLY A 307 -19.25 14.66 15.68
CA GLY A 307 -20.54 14.85 16.30
C GLY A 307 -21.44 13.62 16.24
N GLU A 308 -21.02 12.55 15.58
CA GLU A 308 -21.86 11.37 15.62
C GLU A 308 -21.82 10.79 17.02
N SER A 309 -22.83 10.03 17.29
CA SER A 309 -22.99 9.41 18.56
C SER A 309 -22.32 8.05 18.57
N GLY A 310 -21.63 7.75 19.68
CA GLY A 310 -20.76 6.59 19.81
C GLY A 310 -19.36 6.81 19.26
N HIS A 311 -19.08 8.02 18.76
CA HIS A 311 -17.85 8.50 18.15
C HIS A 311 -17.34 9.78 18.87
N THR A 312 -17.62 9.89 20.17
CA THR A 312 -16.97 10.93 20.96
C THR A 312 -15.49 10.60 21.11
N VAL A 313 -14.66 11.62 21.26
CA VAL A 313 -13.25 11.34 21.54
C VAL A 313 -13.13 10.21 22.56
N ALA A 314 -14.07 10.16 23.52
CA ALA A 314 -13.94 9.16 24.58
C ALA A 314 -14.14 7.76 24.04
N ASP A 315 -15.12 7.58 23.15
CA ASP A 315 -15.30 6.30 22.47
C ASP A 315 -14.07 5.93 21.63
N TYR A 316 -13.44 6.93 20.97
CA TYR A 316 -12.28 6.60 20.14
C TYR A 316 -11.07 6.24 20.97
N LEU A 317 -10.87 6.86 22.14
CA LEU A 317 -9.79 6.41 23.01
C LEU A 317 -10.03 4.99 23.49
N LYS A 318 -11.26 4.64 23.86
CA LYS A 318 -11.50 3.25 24.23
C LYS A 318 -11.14 2.31 23.08
N PHE A 319 -11.51 2.68 21.84
CA PHE A 319 -11.27 1.83 20.66
C PHE A 319 -9.78 1.61 20.45
N LYS A 320 -9.03 2.72 20.38
CA LYS A 320 -7.58 2.66 20.27
C LYS A 320 -6.95 1.79 21.37
N ASP A 321 -7.42 1.92 22.60
CA ASP A 321 -6.89 1.07 23.65
C ASP A 321 -7.12 -0.38 23.32
N LEU A 322 -8.33 -0.71 22.89
CA LEU A 322 -8.65 -2.11 22.67
C LEU A 322 -7.81 -2.67 21.52
N ILE A 323 -7.65 -1.89 20.44
CA ILE A 323 -6.86 -2.34 19.31
C ILE A 323 -5.40 -2.56 19.72
N LEU A 324 -4.80 -1.58 20.40
CA LEU A 324 -3.40 -1.76 20.82
C LEU A 324 -3.21 -3.01 21.68
N ARG A 325 -4.21 -3.34 22.49
CA ARG A 325 -4.12 -4.55 23.29
C ARG A 325 -4.20 -5.76 22.40
N MET A 326 -4.85 -5.60 21.24
CA MET A 326 -4.88 -6.67 20.25
C MET A 326 -3.58 -6.75 19.47
N LEU A 327 -2.98 -5.59 19.18
CA LEU A 327 -1.74 -5.52 18.43
C LEU A 327 -0.52 -5.55 19.35
N ASP A 328 -0.65 -6.16 20.52
CA ASP A 328 0.52 -6.44 21.34
C ASP A 328 1.50 -7.31 20.55
N TYR A 329 2.80 -6.96 20.59
CA TYR A 329 3.78 -7.86 19.97
C TYR A 329 3.92 -9.17 20.73
N ASP A 330 3.73 -9.14 22.06
CA ASP A 330 4.00 -10.29 22.90
C ASP A 330 2.78 -11.21 22.95
N PRO A 331 2.82 -12.38 22.32
CA PRO A 331 1.62 -13.22 22.22
C PRO A 331 1.14 -13.75 23.55
N LYS A 332 1.97 -13.72 24.57
CA LYS A 332 1.54 -14.19 25.87
C LYS A 332 0.86 -13.08 26.68
N THR A 333 0.87 -11.82 26.22
CA THR A 333 0.18 -10.74 26.91
C THR A 333 -0.84 -10.02 26.04
N ARG A 334 -0.92 -10.37 24.76
CA ARG A 334 -1.97 -9.89 23.90
C ARG A 334 -3.32 -10.23 24.53
N ILE A 335 -4.25 -9.29 24.45
CA ILE A 335 -5.51 -9.48 25.13
C ILE A 335 -6.15 -10.77 24.65
N GLN A 336 -6.74 -11.51 25.57
CA GLN A 336 -7.39 -12.74 25.21
C GLN A 336 -8.90 -12.53 25.15
N PRO A 337 -9.61 -13.43 24.44
CA PRO A 337 -11.06 -13.26 24.21
C PRO A 337 -11.90 -12.85 25.42
N TYR A 338 -11.83 -13.60 26.51
CA TYR A 338 -12.64 -13.29 27.68
C TYR A 338 -12.45 -11.84 28.11
N TYR A 339 -11.21 -11.33 28.08
CA TYR A 339 -10.96 -9.99 28.59
C TYR A 339 -11.17 -8.89 27.56
N ALA A 340 -11.13 -9.21 26.27
CA ALA A 340 -11.53 -8.21 25.30
C ALA A 340 -13.01 -7.84 25.49
N LEU A 341 -13.84 -8.81 25.89
CA LEU A 341 -15.25 -8.57 26.11
C LEU A 341 -15.51 -7.74 27.39
N GLN A 342 -14.55 -7.68 28.32
CA GLN A 342 -14.71 -6.87 29.53
C GLN A 342 -14.29 -5.41 29.32
N HIS A 343 -13.73 -5.12 28.17
CA HIS A 343 -13.16 -3.82 27.85
C HIS A 343 -14.25 -2.76 27.76
N SER A 344 -13.91 -1.53 28.17
CA SER A 344 -14.92 -0.47 28.17
C SER A 344 -15.35 -0.04 26.78
N PHE A 345 -14.81 -0.66 25.73
CA PHE A 345 -15.31 -0.38 24.39
C PHE A 345 -16.72 -0.94 24.23
N PHE A 346 -17.02 -2.00 24.97
CA PHE A 346 -18.27 -2.75 24.82
C PHE A 346 -19.39 -2.38 25.81
N LYS A 347 -19.01 -2.04 27.05
CA LYS A 347 -19.95 -1.74 28.15
C LYS A 347 -21.25 -1.06 27.72
N TYR B 6 40.55 8.81 1.37
CA TYR B 6 40.01 7.48 1.13
C TYR B 6 38.58 7.30 1.63
N ASP B 7 37.96 6.23 1.18
CA ASP B 7 36.58 6.07 0.75
C ASP B 7 36.30 4.61 0.87
N ASP B 8 35.24 4.27 0.38
CA ASP B 8 35.36 3.06 1.15
C ASP B 8 35.12 1.72 0.49
N ASP B 9 34.73 0.73 1.28
CA ASP B 9 34.25 -0.51 0.68
C ASP B 9 33.30 -0.28 -0.49
N ASN B 10 32.58 0.83 -0.46
CA ASN B 10 31.48 0.98 -1.40
C ASN B 10 31.65 2.09 -2.40
N TYR B 11 32.88 2.47 -2.65
CA TYR B 11 33.13 3.48 -3.65
C TYR B 11 32.73 4.88 -3.23
N ASP B 12 32.72 5.19 -1.95
CA ASP B 12 32.29 6.51 -1.53
C ASP B 12 33.22 7.25 -0.64
N TYR B 13 33.53 8.49 -0.97
CA TYR B 13 34.34 9.24 -0.01
C TYR B 13 33.71 9.09 1.37
N ILE B 14 34.56 8.87 2.34
CA ILE B 14 34.15 8.81 3.70
C ILE B 14 34.15 10.25 4.08
N VAL B 15 33.08 10.73 4.67
CA VAL B 15 33.02 12.11 5.07
C VAL B 15 33.65 12.22 6.45
N LYS B 16 33.93 13.46 6.84
CA LYS B 16 34.48 13.77 8.10
C LYS B 16 34.28 15.22 8.11
N ASN B 17 33.66 15.78 9.13
CA ASN B 17 33.34 17.19 9.08
C ASN B 17 34.48 18.16 9.31
N GLY B 18 34.58 19.19 8.49
CA GLY B 18 35.54 20.24 8.70
C GLY B 18 36.78 20.23 7.85
N GLU B 19 37.14 19.07 7.38
CA GLU B 19 38.24 18.88 6.45
C GLU B 19 38.28 20.02 5.42
N LYS B 20 39.48 20.47 5.07
CA LYS B 20 39.62 21.52 4.06
C LYS B 20 40.14 20.89 2.77
N TRP B 21 39.69 21.43 1.63
CA TRP B 21 40.12 20.97 0.31
C TRP B 21 40.63 22.16 -0.49
N MET B 22 41.65 21.91 -1.35
CA MET B 22 42.25 23.01 -2.11
C MET B 22 42.22 24.26 -1.22
N ASP B 23 42.25 24.03 0.09
CA ASP B 23 41.66 24.84 1.15
C ASP B 23 40.37 25.56 0.80
N ARG B 24 39.91 25.48 -0.45
CA ARG B 24 38.80 26.32 -0.89
C ARG B 24 37.51 26.01 -0.15
N TYR B 25 37.11 24.80 0.09
CA TYR B 25 35.86 24.28 0.61
C TYR B 25 36.15 23.66 1.96
N GLU B 26 35.69 24.32 3.03
CA GLU B 26 35.65 23.74 4.37
C GLU B 26 34.41 22.85 4.43
N ILE B 27 34.62 21.54 4.57
CA ILE B 27 33.52 20.57 4.57
C ILE B 27 32.83 20.58 5.93
N ASP B 28 31.50 20.64 5.93
CA ASP B 28 30.72 20.73 7.16
C ASP B 28 30.24 19.36 7.63
N SER B 29 29.45 18.69 6.80
CA SER B 29 28.86 17.40 7.17
C SER B 29 27.95 16.89 6.06
N LEU B 30 27.50 15.64 6.20
CA LEU B 30 26.76 14.92 5.17
C LEU B 30 25.28 15.31 5.13
N ILE B 31 24.71 15.42 3.91
CA ILE B 31 23.40 16.04 3.69
C ILE B 31 22.49 15.25 2.71
N GLY B 32 23.07 14.32 1.94
CA GLY B 32 22.36 13.52 0.95
C GLY B 32 23.03 12.19 0.56
N LYS B 33 22.24 11.16 0.28
CA LYS B 33 22.78 9.86 -0.13
C LYS B 33 22.02 9.41 -1.38
N GLY B 34 22.61 8.45 -2.07
CA GLY B 34 22.10 8.00 -3.34
C GLY B 34 22.97 6.87 -3.82
N SER B 35 22.67 6.40 -5.02
CA SER B 35 23.53 5.41 -5.66
C SER B 35 24.71 6.04 -6.38
N PHE B 36 24.60 7.31 -6.74
CA PHE B 36 25.71 7.99 -7.39
C PHE B 36 26.89 8.20 -6.44
N GLY B 37 26.61 8.40 -5.15
CA GLY B 37 27.64 8.74 -4.19
C GLY B 37 27.11 9.34 -2.90
N GLN B 38 27.32 10.65 -2.70
CA GLN B 38 26.90 11.34 -1.50
C GLN B 38 26.77 12.83 -1.83
N VAL B 39 26.27 13.61 -0.85
CA VAL B 39 26.14 15.06 -1.01
C VAL B 39 26.40 15.72 0.34
N VAL B 40 27.30 16.71 0.36
CA VAL B 40 27.76 17.35 1.59
C VAL B 40 27.52 18.85 1.52
N LYS B 41 27.30 19.46 2.69
CA LYS B 41 27.30 20.91 2.86
C LYS B 41 28.73 21.38 3.13
N ALA B 42 29.18 22.42 2.40
CA ALA B 42 30.51 22.97 2.62
C ALA B 42 30.49 24.49 2.46
N TYR B 43 31.51 25.15 3.02
CA TYR B 43 31.77 26.57 2.80
C TYR B 43 32.86 26.74 1.75
N ASP B 44 32.62 27.61 0.77
CA ASP B 44 33.66 28.01 -0.19
C ASP B 44 34.10 29.43 0.16
N ARG B 45 35.30 29.57 0.75
CA ARG B 45 35.75 30.89 1.21
C ARG B 45 36.16 31.81 0.07
N VAL B 46 36.54 31.25 -1.09
CA VAL B 46 36.91 32.07 -2.26
C VAL B 46 35.74 32.94 -2.71
N GLU B 47 34.49 32.48 -2.51
CA GLU B 47 33.32 33.34 -2.67
C GLU B 47 32.54 33.51 -1.36
N GLN B 48 33.03 32.92 -0.27
CA GLN B 48 32.55 33.20 1.08
C GLN B 48 31.04 32.99 1.16
N GLU B 49 30.60 31.90 0.54
CA GLU B 49 29.19 31.50 0.51
C GLU B 49 29.11 29.97 0.67
N TRP B 50 28.09 29.55 1.42
CA TRP B 50 27.78 28.13 1.59
C TRP B 50 27.44 27.47 0.28
N VAL B 51 28.06 26.32 0.02
CA VAL B 51 27.79 25.54 -1.16
C VAL B 51 27.54 24.10 -0.75
N ALA B 52 27.00 23.35 -1.70
CA ALA B 52 26.73 21.92 -1.54
C ALA B 52 27.55 21.20 -2.59
N ILE B 53 28.28 20.18 -2.17
CA ILE B 53 29.15 19.44 -3.07
C ILE B 53 28.63 18.01 -3.19
N LYS B 54 28.33 17.60 -4.41
CA LYS B 54 27.98 16.22 -4.70
C LYS B 54 29.25 15.43 -4.98
N ILE B 55 29.55 14.45 -4.13
CA ILE B 55 30.69 13.57 -4.34
C ILE B 55 30.21 12.33 -5.09
N ILE B 56 30.64 12.19 -6.34
CA ILE B 56 30.34 10.99 -7.13
C ILE B 56 31.15 9.82 -6.61
N LYS B 57 30.66 8.61 -6.85
CA LYS B 57 31.28 7.42 -6.31
C LYS B 57 32.55 7.09 -7.10
N ASN B 58 33.63 6.73 -6.39
CA ASN B 58 34.97 6.52 -6.99
C ASN B 58 34.77 5.21 -7.77
N LYS B 59 34.00 5.25 -8.86
CA LYS B 59 33.81 4.06 -9.68
C LYS B 59 33.43 4.63 -11.04
N LYS B 60 33.80 3.89 -12.11
CA LYS B 60 33.81 4.45 -13.46
C LYS B 60 32.41 4.61 -14.04
N ALA B 61 31.56 3.60 -13.90
CA ALA B 61 30.20 3.65 -14.42
C ALA B 61 29.44 4.89 -13.95
N PHE B 62 29.76 5.40 -12.75
CA PHE B 62 29.16 6.63 -12.21
C PHE B 62 29.88 7.89 -12.69
N LEU B 63 31.23 7.90 -12.64
CA LEU B 63 31.99 9.03 -13.20
C LEU B 63 31.47 9.35 -14.61
N ASN B 64 31.22 8.30 -15.40
CA ASN B 64 30.73 8.50 -16.76
C ASN B 64 29.33 9.09 -16.77
N GLN B 65 28.44 8.59 -15.91
CA GLN B 65 27.09 9.14 -15.88
C GLN B 65 27.08 10.54 -15.29
N ALA B 66 27.86 10.78 -14.23
CA ALA B 66 27.91 12.14 -13.69
C ALA B 66 28.48 13.12 -14.72
N GLN B 67 29.36 12.62 -15.61
CA GLN B 67 29.91 13.44 -16.69
C GLN B 67 28.83 13.81 -17.70
N ILE B 68 27.82 12.95 -17.87
CA ILE B 68 26.65 13.35 -18.65
C ILE B 68 25.82 14.39 -17.90
N GLU B 69 25.80 14.34 -16.56
CA GLU B 69 25.07 15.36 -15.81
C GLU B 69 25.74 16.72 -15.97
N VAL B 70 27.08 16.77 -16.01
CA VAL B 70 27.76 18.05 -16.19
C VAL B 70 27.44 18.63 -17.57
N ARG B 71 27.68 17.85 -18.62
CA ARG B 71 27.35 18.31 -19.97
C ARG B 71 25.96 18.94 -19.99
N LEU B 72 24.96 18.23 -19.44
CA LEU B 72 23.59 18.70 -19.47
C LEU B 72 23.40 19.97 -18.65
N LEU B 73 24.09 20.07 -17.51
CA LEU B 73 23.87 21.24 -16.66
C LEU B 73 24.66 22.45 -17.15
N GLU B 74 25.78 22.23 -17.83
CA GLU B 74 26.46 23.33 -18.53
C GLU B 74 25.69 23.71 -19.79
N LEU B 75 25.38 22.72 -20.64
CA LEU B 75 24.61 22.98 -21.85
C LEU B 75 23.33 23.73 -21.54
N MET B 76 22.75 23.43 -20.37
CA MET B 76 21.68 24.24 -19.83
C MET B 76 22.13 25.68 -19.51
N ASN B 77 22.97 25.93 -18.47
CA ASN B 77 23.21 27.25 -17.82
C ASN B 77 23.71 28.37 -18.77
N LYS B 78 23.98 28.01 -20.02
CA LYS B 78 24.17 28.92 -21.15
C LYS B 78 22.88 29.03 -21.98
N HIS B 79 21.93 29.85 -21.51
CA HIS B 79 20.66 30.06 -22.20
C HIS B 79 19.88 31.27 -21.68
N THR B 81 17.73 33.29 -20.68
CA THR B 81 16.40 33.45 -20.10
C THR B 81 16.24 32.87 -18.69
N GLU B 82 15.25 33.32 -17.95
CA GLU B 82 15.21 33.00 -16.54
C GLU B 82 14.44 31.77 -16.15
N MET B 83 14.12 30.94 -17.12
CA MET B 83 13.56 29.66 -16.80
C MET B 83 14.69 28.93 -16.15
N LYS B 84 15.86 29.00 -16.76
CA LYS B 84 17.04 28.30 -16.31
C LYS B 84 17.23 28.36 -14.80
N TYR B 85 16.51 29.23 -14.11
CA TYR B 85 16.68 29.38 -12.70
C TYR B 85 15.63 28.67 -11.91
N TYR B 86 15.33 27.49 -12.38
CA TYR B 86 14.41 26.64 -11.74
C TYR B 86 15.16 25.36 -11.83
N ILE B 87 16.19 25.37 -12.63
CA ILE B 87 17.20 24.30 -12.63
C ILE B 87 18.31 24.71 -11.68
N VAL B 88 18.71 23.78 -10.80
CA VAL B 88 19.83 24.04 -9.91
C VAL B 88 21.03 24.46 -10.75
N HIS B 89 21.77 25.44 -10.27
CA HIS B 89 22.91 25.96 -11.01
C HIS B 89 24.18 25.22 -10.59
N LEU B 90 24.86 24.65 -11.58
CA LEU B 90 26.17 24.04 -11.39
C LEU B 90 27.20 25.16 -11.44
N LYS B 91 27.79 25.46 -10.28
CA LYS B 91 28.80 26.51 -10.20
C LYS B 91 30.07 26.08 -10.94
N ARG B 92 30.60 24.91 -10.59
CA ARG B 92 31.90 24.47 -11.05
C ARG B 92 32.00 22.97 -10.78
N HIS B 93 32.97 22.34 -11.41
CA HIS B 93 33.25 20.94 -11.12
C HIS B 93 34.75 20.72 -11.20
N PHE B 94 35.22 19.78 -10.38
CA PHE B 94 36.64 19.45 -10.30
C PHE B 94 36.79 18.02 -9.83
N MET B 95 37.80 17.34 -10.36
CA MET B 95 38.20 16.06 -9.78
C MET B 95 39.07 16.33 -8.55
N PHE B 96 38.67 15.77 -7.42
CA PHE B 96 39.40 15.88 -6.17
C PHE B 96 39.54 14.49 -5.57
N ARG B 97 40.77 14.14 -5.21
CA ARG B 97 41.11 12.85 -4.61
C ARG B 97 40.39 11.66 -5.26
N ASN B 98 40.54 11.61 -6.59
CA ASN B 98 40.04 10.50 -7.42
C ASN B 98 38.51 10.43 -7.36
N HIS B 99 37.86 11.59 -7.32
CA HIS B 99 36.41 11.72 -7.26
C HIS B 99 35.96 12.89 -8.11
N LEU B 100 34.80 12.77 -8.71
CA LEU B 100 34.19 13.89 -9.39
C LEU B 100 33.26 14.55 -8.40
N CYS B 101 33.38 15.86 -8.26
CA CYS B 101 32.55 16.60 -7.35
C CYS B 101 31.93 17.75 -8.12
N LEU B 102 30.64 17.93 -7.96
CA LEU B 102 29.97 19.04 -8.58
C LEU B 102 29.55 19.97 -7.47
N VAL B 103 29.90 21.23 -7.58
CA VAL B 103 29.49 22.21 -6.59
C VAL B 103 28.20 22.89 -7.08
N PHE B 104 27.25 23.04 -6.17
CA PHE B 104 25.93 23.62 -6.42
C PHE B 104 25.68 24.70 -5.37
N GLU B 105 24.91 25.73 -5.75
CA GLU B 105 24.40 26.65 -4.73
C GLU B 105 23.82 25.83 -3.58
N MET B 106 23.75 26.36 -2.38
CA MET B 106 23.16 25.62 -1.30
C MET B 106 21.67 25.87 -1.27
N LEU B 107 20.86 24.84 -1.12
CA LEU B 107 19.42 25.00 -1.09
C LEU B 107 18.88 24.36 0.14
N SER B 108 17.62 24.57 0.43
CA SER B 108 17.06 24.11 1.69
C SER B 108 16.50 22.73 1.54
N TYR B 109 15.59 22.35 2.42
CA TYR B 109 14.90 21.06 2.35
C TYR B 109 14.32 20.75 0.96
N ASN B 110 14.14 19.44 0.71
CA ASN B 110 13.36 18.94 -0.42
C ASN B 110 11.92 18.63 0.02
N LEU B 111 11.02 18.46 -0.96
CA LEU B 111 9.59 18.52 -0.67
C LEU B 111 9.09 17.32 0.13
N TYR B 112 9.77 16.17 0.05
CA TYR B 112 9.42 15.09 0.97
C TYR B 112 9.69 15.48 2.41
N ASP B 113 10.83 16.14 2.68
CA ASP B 113 11.07 16.62 4.04
C ASP B 113 10.06 17.69 4.44
N LEU B 114 9.46 18.37 3.48
CA LEU B 114 8.40 19.31 3.79
C LEU B 114 7.13 18.58 4.20
N LEU B 115 6.75 17.53 3.49
CA LEU B 115 5.63 16.71 3.92
C LEU B 115 5.88 16.13 5.31
N ARG B 116 7.06 15.53 5.54
CA ARG B 116 7.36 14.99 6.87
C ARG B 116 7.05 15.99 7.98
N ASN B 117 7.12 17.28 7.67
CA ASN B 117 6.87 18.30 8.69
C ASN B 117 5.40 18.56 8.90
N THR B 118 4.54 18.05 8.02
CA THR B 118 3.10 18.18 8.18
C THR B 118 2.46 16.85 8.56
N ASN B 119 3.23 15.97 9.21
CA ASN B 119 2.90 14.56 9.38
C ASN B 119 2.19 14.03 8.15
N PHE B 120 2.74 14.34 6.98
CA PHE B 120 2.22 13.85 5.71
C PHE B 120 0.74 14.14 5.56
N ARG B 121 0.30 15.25 6.16
CA ARG B 121 -1.03 15.83 5.94
C ARG B 121 -1.06 16.77 4.75
N GLY B 122 0.00 16.81 3.96
CA GLY B 122 0.01 17.65 2.80
C GLY B 122 0.09 19.11 3.15
N VAL B 123 0.35 19.92 2.14
CA VAL B 123 0.47 21.36 2.28
C VAL B 123 -0.69 22.00 1.53
N SER B 124 -1.18 23.11 2.08
CA SER B 124 -2.26 23.93 1.52
C SER B 124 -2.34 24.05 0.00
N LEU B 125 -3.55 23.99 -0.57
CA LEU B 125 -3.71 24.07 -2.01
C LEU B 125 -3.03 25.27 -2.64
N ASN B 126 -3.00 26.41 -1.95
CA ASN B 126 -2.24 27.56 -2.45
C ASN B 126 -0.78 27.20 -2.67
N LEU B 127 -0.14 26.64 -1.64
CA LEU B 127 1.27 26.29 -1.77
C LEU B 127 1.48 25.32 -2.94
N THR B 128 0.54 24.39 -3.11
CA THR B 128 0.61 23.41 -4.19
C THR B 128 0.51 24.07 -5.56
N ARG B 129 -0.26 25.15 -5.66
CA ARG B 129 -0.37 25.90 -6.92
C ARG B 129 0.97 26.52 -7.31
N LYS B 130 1.71 27.03 -6.32
CA LYS B 130 2.98 27.67 -6.61
C LYS B 130 4.03 26.63 -7.01
N PHE B 131 4.18 25.56 -6.23
CA PHE B 131 5.08 24.48 -6.64
C PHE B 131 4.74 24.00 -8.03
N ALA B 132 3.44 23.95 -8.35
CA ALA B 132 2.98 23.45 -9.64
C ALA B 132 3.38 24.38 -10.78
N GLN B 133 3.20 25.69 -10.60
CA GLN B 133 3.55 26.64 -11.66
C GLN B 133 5.05 26.70 -11.85
N GLN B 134 5.80 26.73 -10.76
CA GLN B 134 7.25 26.71 -10.89
C GLN B 134 7.71 25.51 -11.68
N MET B 135 7.18 24.32 -11.34
CA MET B 135 7.65 23.10 -11.98
C MET B 135 7.25 23.03 -13.45
N CYS B 136 6.05 23.54 -13.78
CA CYS B 136 5.59 23.55 -15.17
C CYS B 136 6.48 24.46 -16.01
N THR B 137 6.81 25.66 -15.50
CA THR B 137 7.77 26.52 -16.19
C THR B 137 9.10 25.82 -16.36
N ALA B 138 9.52 25.04 -15.36
CA ALA B 138 10.83 24.37 -15.40
C ALA B 138 10.88 23.28 -16.47
N LEU B 139 9.77 22.56 -16.69
CA LEU B 139 9.75 21.56 -17.77
C LEU B 139 9.52 22.20 -19.15
N LEU B 140 8.92 23.39 -19.18
CA LEU B 140 8.91 24.19 -20.40
C LEU B 140 10.32 24.54 -20.82
N PHE B 141 11.20 24.78 -19.85
CA PHE B 141 12.58 25.06 -20.19
C PHE B 141 13.25 23.81 -20.76
N LEU B 142 13.08 22.64 -20.11
CA LEU B 142 13.83 21.45 -20.52
C LEU B 142 13.41 20.95 -21.89
N ALA B 143 12.28 21.46 -22.37
CA ALA B 143 11.70 21.06 -23.64
C ALA B 143 12.22 21.89 -24.82
N THR B 144 12.72 23.13 -24.57
CA THR B 144 13.18 24.00 -25.64
C THR B 144 14.01 23.18 -26.64
N PRO B 145 13.79 23.33 -27.95
CA PRO B 145 14.34 22.36 -28.92
C PRO B 145 15.83 22.03 -28.76
N GLU B 146 16.68 23.01 -28.38
CA GLU B 146 18.11 22.75 -28.20
C GLU B 146 18.39 21.79 -27.04
N LEU B 147 17.58 21.89 -25.97
CA LEU B 147 17.73 21.07 -24.75
C LEU B 147 17.06 19.72 -24.93
N SER B 148 15.72 19.69 -24.99
CA SER B 148 14.95 18.44 -25.13
C SER B 148 15.44 17.40 -24.14
N ILE B 149 15.41 17.80 -22.87
CA ILE B 149 15.94 16.99 -21.77
C ILE B 149 14.79 16.32 -21.04
N ILE B 150 14.96 15.03 -20.78
CA ILE B 150 14.05 14.29 -19.93
C ILE B 150 14.76 14.03 -18.61
N HIS B 151 14.34 14.73 -17.56
CA HIS B 151 14.87 14.47 -16.22
C HIS B 151 14.92 12.99 -15.93
N CYS B 152 13.77 12.32 -16.03
CA CYS B 152 13.62 10.86 -15.83
C CYS B 152 13.58 10.43 -14.38
N ASP B 153 13.54 11.33 -13.40
CA ASP B 153 13.59 10.88 -12.02
C ASP B 153 12.94 11.89 -11.11
N LEU B 154 11.97 12.62 -11.63
CA LEU B 154 11.23 13.54 -10.79
C LEU B 154 10.60 12.81 -9.61
N LYS B 155 10.50 13.51 -8.50
CA LYS B 155 9.97 12.93 -7.29
C LYS B 155 10.16 14.02 -6.25
N PRO B 156 9.44 13.97 -5.14
CA PRO B 156 9.64 14.98 -4.09
C PRO B 156 11.08 15.15 -3.64
N GLU B 157 11.81 14.04 -3.45
CA GLU B 157 13.18 14.12 -2.99
C GLU B 157 14.06 15.02 -3.87
N ASN B 158 13.83 15.02 -5.20
CA ASN B 158 14.61 15.82 -6.15
C ASN B 158 14.06 17.21 -6.42
N ILE B 159 13.34 17.78 -5.48
CA ILE B 159 12.83 19.14 -5.62
C ILE B 159 13.04 19.86 -4.30
N LEU B 160 13.99 20.80 -4.28
CA LEU B 160 14.45 21.47 -3.06
C LEU B 160 13.90 22.88 -2.99
N LEU B 161 13.55 23.31 -1.79
CA LEU B 161 13.21 24.71 -1.59
C LEU B 161 14.49 25.56 -1.67
N CYS B 162 14.32 26.86 -1.91
CA CYS B 162 15.48 27.75 -1.93
C CYS B 162 15.80 28.25 -0.52
N ASN B 163 14.81 28.83 0.12
CA ASN B 163 14.93 29.22 1.50
C ASN B 163 13.82 28.64 2.34
N PRO B 164 14.24 28.08 3.55
CA PRO B 164 13.17 27.46 4.32
C PRO B 164 12.10 28.41 4.77
N LYS B 165 11.99 29.58 4.17
CA LYS B 165 10.93 30.46 4.55
C LYS B 165 10.17 30.86 3.35
N ARG B 166 10.82 30.85 2.22
CA ARG B 166 10.22 31.32 1.02
C ARG B 166 9.79 30.12 0.23
N SER B 167 8.93 30.33 -0.75
CA SER B 167 8.30 29.25 -1.46
C SER B 167 8.79 29.03 -2.86
N ALA B 168 10.03 29.37 -3.14
CA ALA B 168 10.62 29.09 -4.44
C ALA B 168 11.45 27.82 -4.39
N ILE B 169 11.44 27.07 -5.49
CA ILE B 169 12.02 25.74 -5.55
C ILE B 169 12.82 25.59 -6.83
N LYS B 170 13.63 24.53 -6.86
CA LYS B 170 14.38 24.19 -8.06
C LYS B 170 14.57 22.68 -8.10
N ILE B 171 15.00 22.17 -9.23
CA ILE B 171 15.05 20.75 -9.50
C ILE B 171 16.47 20.33 -9.55
N VAL B 172 16.86 19.36 -8.75
CA VAL B 172 18.20 18.87 -8.77
C VAL B 172 18.34 17.56 -9.52
N ASP B 173 19.53 17.04 -9.53
CA ASP B 173 19.82 15.72 -9.99
C ASP B 173 19.60 15.02 -11.26
N PHE B 174 20.14 15.57 -12.33
CA PHE B 174 20.11 14.95 -13.61
C PHE B 174 21.06 13.84 -13.94
N GLY B 175 21.24 12.96 -12.99
CA GLY B 175 22.15 11.87 -13.18
C GLY B 175 21.55 10.74 -13.93
N SER B 176 20.25 10.78 -14.08
CA SER B 176 19.54 9.76 -14.79
C SER B 176 18.93 10.31 -16.01
N SER B 177 19.33 11.51 -16.40
CA SER B 177 18.60 12.20 -17.41
C SER B 177 19.09 11.95 -18.78
N CYS B 178 18.38 12.46 -19.74
CA CYS B 178 18.77 12.19 -21.12
C CYS B 178 18.03 13.14 -22.06
N GLN B 179 18.39 13.06 -23.33
CA GLN B 179 17.90 13.97 -24.36
C GLN B 179 16.88 13.46 -25.35
N LEU B 180 17.39 12.24 -26.11
CA LEU B 180 16.58 11.64 -27.18
C LEU B 180 16.42 10.11 -27.29
N TYR B 185 17.22 2.56 -22.57
CA TYR B 185 16.92 2.12 -21.20
C TYR B 185 15.43 1.92 -21.00
N GLN B 186 15.06 0.89 -20.28
CA GLN B 186 13.64 0.60 -20.21
C GLN B 186 13.20 0.93 -18.85
N PTR B 187 13.89 0.50 -17.80
CA PTR B 187 13.35 0.64 -16.46
C PTR B 187 13.82 1.97 -16.00
O PTR B 187 15.00 2.09 -15.64
CB PTR B 187 13.79 -0.42 -15.42
CG PTR B 187 12.79 -1.42 -14.80
CD1 PTR B 187 12.51 -1.48 -13.44
CD2 PTR B 187 12.17 -2.41 -15.55
CE1 PTR B 187 11.63 -2.41 -12.85
CE2 PTR B 187 11.31 -3.35 -14.97
CZ PTR B 187 11.01 -3.39 -13.61
OH PTR B 187 10.10 -4.38 -13.17
P PTR B 187 9.85 -5.16 -11.76
O1P PTR B 187 9.74 -4.13 -10.68
O2P PTR B 187 8.61 -5.96 -11.93
O3P PTR B 187 11.03 -6.06 -11.67
N ILE B 188 12.97 2.98 -15.98
CA ILE B 188 13.42 4.28 -15.58
C ILE B 188 12.42 5.12 -14.89
N GLN B 189 12.89 6.04 -14.10
CA GLN B 189 12.00 6.79 -13.21
C GLN B 189 11.91 6.08 -11.86
N SER B 190 11.41 6.76 -10.84
CA SER B 190 11.22 6.14 -9.55
C SER B 190 9.82 5.54 -9.59
N ARG B 191 9.74 4.24 -9.28
CA ARG B 191 8.49 3.49 -9.37
C ARG B 191 7.16 4.11 -8.89
N PHE B 192 7.13 5.10 -8.03
CA PHE B 192 5.82 5.64 -7.66
C PHE B 192 5.50 6.65 -8.74
N TYR B 193 6.49 7.02 -9.55
CA TYR B 193 6.35 8.12 -10.49
C TYR B 193 6.65 7.68 -11.91
N ARG B 194 6.87 6.39 -12.12
CA ARG B 194 7.02 5.85 -13.47
C ARG B 194 5.72 6.02 -14.24
N SER B 195 5.83 6.56 -15.46
CA SER B 195 4.70 6.79 -16.35
C SER B 195 4.23 5.46 -16.97
N PRO B 196 2.99 5.40 -17.44
CA PRO B 196 2.51 4.14 -18.05
C PRO B 196 3.29 3.76 -19.28
N GLU B 197 3.78 4.75 -20.03
CA GLU B 197 4.62 4.49 -21.19
C GLU B 197 5.78 3.56 -20.84
N VAL B 198 6.52 3.88 -19.77
CA VAL B 198 7.73 3.12 -19.48
C VAL B 198 7.38 1.76 -18.92
N LEU B 199 6.30 1.67 -18.13
CA LEU B 199 5.83 0.39 -17.60
C LEU B 199 5.42 -0.58 -18.70
N LEU B 200 4.82 -0.07 -19.78
CA LEU B 200 4.44 -0.89 -20.92
C LEU B 200 5.59 -1.22 -21.85
N GLY B 201 6.73 -0.52 -21.73
CA GLY B 201 7.89 -0.82 -22.54
C GLY B 201 7.88 -0.21 -23.92
N MET B 202 7.28 0.97 -24.07
CA MET B 202 7.09 1.66 -25.33
C MET B 202 8.04 2.84 -25.49
N PRO B 203 8.11 3.41 -26.69
CA PRO B 203 8.75 4.71 -26.88
C PRO B 203 8.25 5.78 -25.93
N TYR B 204 9.19 6.48 -25.31
CA TYR B 204 8.91 7.53 -24.35
C TYR B 204 9.61 8.82 -24.75
N ASP B 205 8.99 9.93 -24.42
CA ASP B 205 9.55 11.23 -24.75
C ASP B 205 9.34 12.09 -23.50
N LEU B 206 9.40 13.40 -23.68
CA LEU B 206 9.41 14.33 -22.57
C LEU B 206 8.08 14.41 -21.83
N ALA B 207 7.10 13.60 -22.21
CA ALA B 207 5.83 13.67 -21.51
C ALA B 207 5.83 12.85 -20.23
N ILE B 208 6.78 11.90 -20.08
CA ILE B 208 6.92 11.11 -18.84
C ILE B 208 7.21 12.00 -17.64
N ASP B 209 8.00 13.05 -17.81
CA ASP B 209 8.17 14.02 -16.74
C ASP B 209 6.85 14.59 -16.30
N MET B 210 5.97 14.87 -17.27
CA MET B 210 4.67 15.46 -16.93
C MET B 210 3.77 14.48 -16.16
N TRP B 211 3.91 13.17 -16.42
CA TRP B 211 3.26 12.16 -15.58
C TRP B 211 3.72 12.29 -14.14
N SER B 212 5.02 12.15 -13.92
CA SER B 212 5.59 12.27 -12.59
C SER B 212 5.11 13.55 -11.91
N LEU B 213 5.15 14.66 -12.64
CA LEU B 213 4.72 15.91 -12.05
C LEU B 213 3.30 15.80 -11.52
N GLY B 214 2.36 15.29 -12.33
CA GLY B 214 1.00 15.08 -11.85
C GLY B 214 0.92 14.28 -10.56
N CYS B 215 1.55 13.10 -10.53
CA CYS B 215 1.65 12.33 -9.30
C CYS B 215 2.14 13.19 -8.14
N ILE B 216 3.25 13.91 -8.36
CA ILE B 216 3.88 14.65 -7.26
C ILE B 216 2.91 15.69 -6.69
N LEU B 217 2.27 16.47 -7.56
CA LEU B 217 1.41 17.54 -7.08
C LEU B 217 0.32 17.00 -6.15
N VAL B 218 -0.26 15.84 -6.49
CA VAL B 218 -1.30 15.29 -5.62
C VAL B 218 -0.70 14.85 -4.29
N GLU B 219 0.48 14.22 -4.33
CA GLU B 219 1.08 13.73 -3.11
C GLU B 219 1.34 14.88 -2.11
N MET B 220 1.59 16.09 -2.61
CA MET B 220 1.88 17.26 -1.78
C MET B 220 0.65 17.83 -1.11
N HIS B 221 -0.49 17.80 -1.79
CA HIS B 221 -1.70 18.27 -1.13
C HIS B 221 -2.25 17.21 -0.19
N THR B 222 -2.34 15.95 -0.63
CA THR B 222 -2.90 14.93 0.24
C THR B 222 -1.90 14.49 1.30
N GLY B 223 -0.64 14.32 0.94
CA GLY B 223 0.39 13.89 1.88
C GLY B 223 0.91 12.50 1.65
N GLU B 224 0.27 11.72 0.77
CA GLU B 224 0.65 10.35 0.48
C GLU B 224 0.87 10.12 -1.01
N PRO B 225 1.80 9.25 -1.37
CA PRO B 225 1.96 8.83 -2.76
C PRO B 225 0.64 8.45 -3.44
N LEU B 226 0.37 9.04 -4.62
CA LEU B 226 -0.82 8.66 -5.40
C LEU B 226 -0.80 7.18 -5.78
N PHE B 227 0.35 6.68 -6.25
CA PHE B 227 0.45 5.34 -6.80
C PHE B 227 1.64 4.68 -6.13
N SER B 228 1.40 4.11 -4.94
CA SER B 228 2.44 3.56 -4.08
C SER B 228 2.62 2.11 -4.47
N GLY B 229 3.18 1.82 -5.61
CA GLY B 229 3.24 0.46 -6.10
C GLY B 229 4.51 -0.10 -5.49
N ALA B 230 4.47 -1.40 -5.17
CA ALA B 230 5.59 -2.11 -4.59
C ALA B 230 6.47 -2.78 -5.64
N ASN B 231 5.95 -2.96 -6.85
CA ASN B 231 6.67 -3.47 -8.01
C ASN B 231 5.92 -2.97 -9.24
N GLU B 232 6.39 -3.40 -10.41
CA GLU B 232 5.76 -2.93 -11.63
C GLU B 232 4.30 -3.38 -11.76
N VAL B 233 4.00 -4.61 -11.34
CA VAL B 233 2.64 -5.11 -11.49
C VAL B 233 1.71 -4.42 -10.50
N ASP B 234 2.18 -4.18 -9.29
CA ASP B 234 1.38 -3.41 -8.34
C ASP B 234 1.26 -1.95 -8.78
N GLN B 235 2.32 -1.39 -9.36
CA GLN B 235 2.27 0.01 -9.77
C GLN B 235 1.16 0.21 -10.80
N MET B 236 1.16 -0.62 -11.85
CA MET B 236 0.15 -0.50 -12.90
C MET B 236 -1.26 -0.71 -12.34
N ASN B 237 -1.44 -1.73 -11.49
CA ASN B 237 -2.78 -1.97 -10.95
C ASN B 237 -3.29 -0.76 -10.18
N LYS B 238 -2.42 -0.11 -9.40
CA LYS B 238 -2.84 1.05 -8.61
C LYS B 238 -3.22 2.23 -9.50
N ILE B 239 -2.62 2.32 -10.69
CA ILE B 239 -3.04 3.31 -11.69
C ILE B 239 -4.40 2.96 -12.27
N VAL B 240 -4.56 1.71 -12.68
CA VAL B 240 -5.85 1.27 -13.20
C VAL B 240 -6.97 1.60 -12.22
N GLU B 241 -6.75 1.42 -10.90
CA GLU B 241 -7.80 1.76 -9.94
C GLU B 241 -8.31 3.16 -10.10
N VAL B 242 -7.46 4.09 -10.55
CA VAL B 242 -7.82 5.49 -10.62
C VAL B 242 -8.24 5.93 -12.02
N LEU B 243 -7.66 5.36 -13.07
CA LEU B 243 -7.89 5.86 -14.42
C LEU B 243 -8.53 4.88 -15.39
N GLY B 244 -8.96 3.71 -14.93
CA GLY B 244 -9.54 2.75 -15.84
C GLY B 244 -8.51 2.02 -16.65
N ILE B 245 -9.00 1.13 -17.50
CA ILE B 245 -8.11 0.37 -18.38
C ILE B 245 -7.57 1.30 -19.46
N PRO B 246 -6.28 1.20 -19.81
CA PRO B 246 -5.73 2.09 -20.83
C PRO B 246 -6.40 1.89 -22.17
N PRO B 247 -6.60 2.96 -22.94
CA PRO B 247 -7.22 2.81 -24.27
C PRO B 247 -6.60 1.69 -25.07
N ALA B 248 -7.44 1.03 -25.87
CA ALA B 248 -6.99 -0.21 -26.52
C ALA B 248 -5.92 0.04 -27.57
N HIS B 249 -5.89 1.23 -28.17
CA HIS B 249 -4.90 1.44 -29.24
C HIS B 249 -3.49 1.49 -28.69
N ILE B 250 -3.31 1.98 -27.45
CA ILE B 250 -2.02 1.94 -26.78
C ILE B 250 -1.63 0.50 -26.41
N LEU B 251 -2.58 -0.24 -25.86
CA LEU B 251 -2.21 -1.58 -25.43
C LEU B 251 -1.96 -2.51 -26.62
N ASP B 252 -2.60 -2.25 -27.77
CA ASP B 252 -2.34 -3.04 -28.96
C ASP B 252 -0.89 -2.91 -29.44
N GLN B 253 -0.16 -1.90 -28.93
CA GLN B 253 1.19 -1.54 -29.33
C GLN B 253 2.22 -1.66 -28.21
N ALA B 254 1.78 -2.02 -27.01
CA ALA B 254 2.68 -2.15 -25.85
C ALA B 254 3.36 -3.51 -25.88
N PRO B 255 4.69 -3.56 -25.92
CA PRO B 255 5.39 -4.85 -25.94
C PRO B 255 5.24 -5.68 -24.68
N LYS B 256 4.81 -5.07 -23.56
CA LYS B 256 4.70 -5.74 -22.27
C LYS B 256 3.25 -5.84 -21.79
N ALA B 257 2.29 -5.49 -22.61
CA ALA B 257 0.95 -5.40 -22.12
C ALA B 257 0.59 -6.60 -21.33
N ARG B 258 1.10 -7.74 -21.74
CA ARG B 258 0.65 -9.02 -21.24
C ARG B 258 1.22 -9.35 -19.91
N LYS B 259 2.01 -8.45 -19.42
CA LYS B 259 2.51 -8.50 -18.08
C LYS B 259 1.49 -7.88 -17.16
N PHE B 260 0.44 -7.31 -17.70
CA PHE B 260 -0.51 -6.56 -16.90
C PHE B 260 -1.96 -6.92 -17.22
N PHE B 261 -2.21 -7.36 -18.47
CA PHE B 261 -3.56 -7.47 -19.02
C PHE B 261 -3.68 -8.72 -19.90
N GLU B 262 -4.93 -9.06 -20.23
CA GLU B 262 -5.25 -10.13 -21.16
C GLU B 262 -6.30 -9.64 -22.14
N LYS B 263 -6.10 -9.93 -23.42
CA LYS B 263 -7.13 -9.70 -24.41
C LYS B 263 -8.10 -10.87 -24.32
N LEU B 264 -9.40 -10.57 -24.28
CA LEU B 264 -10.45 -11.58 -24.33
C LEU B 264 -10.67 -11.95 -25.80
N PRO B 265 -11.67 -12.78 -26.11
CA PRO B 265 -11.84 -13.19 -27.52
C PRO B 265 -12.23 -12.04 -28.44
N ASP B 266 -13.13 -11.18 -27.95
CA ASP B 266 -13.80 -10.12 -28.69
C ASP B 266 -12.86 -8.98 -29.10
N GLY B 267 -11.72 -8.82 -28.42
CA GLY B 267 -10.78 -7.75 -28.66
C GLY B 267 -10.70 -6.75 -27.53
N THR B 268 -11.28 -7.10 -26.37
CA THR B 268 -11.37 -6.24 -25.20
C THR B 268 -10.29 -6.54 -24.18
N TRP B 269 -9.68 -5.48 -23.66
CA TRP B 269 -8.58 -5.58 -22.72
C TRP B 269 -9.12 -5.47 -21.31
N ASN B 270 -8.60 -6.27 -20.42
CA ASN B 270 -8.97 -6.15 -19.09
C ASN B 270 -7.79 -6.55 -18.33
N LEU B 271 -7.76 -6.27 -17.05
CA LEU B 271 -6.65 -6.60 -16.20
C LEU B 271 -6.30 -8.00 -16.38
N LYS B 272 -5.19 -8.45 -16.07
CA LYS B 272 -4.85 -9.87 -16.07
C LYS B 272 -5.65 -10.53 -14.96
N LYS B 273 -5.01 -11.34 -14.14
CA LYS B 273 -5.67 -11.72 -12.92
C LYS B 273 -5.46 -10.53 -11.97
N ARG B 279 -8.41 -12.54 -4.28
CA ARG B 279 -7.61 -12.29 -3.09
C ARG B 279 -7.49 -10.82 -2.99
N PHE B 280 -8.45 -10.22 -2.31
CA PHE B 280 -8.99 -8.90 -2.62
C PHE B 280 -8.63 -8.84 -4.11
N GLU B 281 -8.59 -7.74 -4.71
CA GLU B 281 -8.38 -7.81 -6.14
C GLU B 281 -8.13 -6.37 -5.84
N TYR B 282 -7.90 -5.60 -6.87
CA TYR B 282 -7.65 -4.20 -6.70
C TYR B 282 -9.05 -3.68 -6.82
N LYS B 283 -9.24 -2.40 -6.71
CA LYS B 283 -10.52 -1.81 -6.87
C LYS B 283 -10.83 -1.96 -8.28
N PRO B 284 -12.09 -2.04 -8.64
CA PRO B 284 -12.48 -2.07 -10.06
C PRO B 284 -11.93 -0.88 -10.82
N PRO B 285 -11.52 -1.09 -12.07
CA PRO B 285 -11.02 0.02 -12.90
C PRO B 285 -11.88 1.28 -12.82
N GLY B 286 -11.24 2.43 -12.56
CA GLY B 286 -11.91 3.72 -12.39
C GLY B 286 -12.57 3.94 -11.04
N THR B 287 -12.58 2.95 -10.16
CA THR B 287 -13.44 2.96 -8.99
C THR B 287 -12.93 3.91 -7.90
N ARG B 288 -11.62 4.13 -7.86
CA ARG B 288 -10.98 4.98 -6.85
C ARG B 288 -10.81 6.37 -7.44
N LYS B 289 -11.89 7.17 -7.37
CA LYS B 289 -11.93 8.39 -8.17
C LYS B 289 -11.06 9.47 -7.54
N LEU B 290 -10.24 10.11 -8.38
CA LEU B 290 -9.41 11.22 -7.93
C LEU B 290 -10.22 12.32 -7.28
N HIS B 291 -11.44 12.55 -7.78
CA HIS B 291 -12.33 13.54 -7.19
C HIS B 291 -12.53 13.25 -5.71
N ASN B 292 -12.56 11.98 -5.35
CA ASN B 292 -12.76 11.61 -3.96
C ASN B 292 -11.45 11.45 -3.21
N ILE B 293 -10.34 11.24 -3.92
CA ILE B 293 -9.00 11.29 -3.32
C ILE B 293 -8.71 12.70 -2.83
N LEU B 294 -8.91 13.69 -3.71
CA LEU B 294 -8.72 15.09 -3.34
C LEU B 294 -9.73 15.56 -2.30
N GLY B 295 -10.88 14.91 -2.20
CA GLY B 295 -11.91 15.35 -1.27
C GLY B 295 -12.64 16.62 -1.68
N VAL B 296 -12.68 16.91 -2.98
CA VAL B 296 -13.13 18.19 -3.54
C VAL B 296 -14.37 18.82 -2.94
N GLU B 297 -15.34 17.99 -2.59
CA GLU B 297 -16.58 18.50 -2.05
C GLU B 297 -16.73 18.17 -0.57
N THR B 298 -15.69 17.63 0.07
CA THR B 298 -15.78 17.24 1.47
C THR B 298 -14.77 17.97 2.35
N GLY B 299 -14.21 19.07 1.85
CA GLY B 299 -13.15 19.71 2.61
C GLY B 299 -11.83 19.00 2.41
N GLY B 300 -11.54 18.72 1.13
CA GLY B 300 -10.28 18.14 0.70
C GLY B 300 -9.84 16.89 1.44
N PRO B 301 -8.55 16.62 1.42
CA PRO B 301 -8.06 15.36 2.00
C PRO B 301 -8.37 15.25 3.49
N GLY B 302 -8.87 14.07 3.88
CA GLY B 302 -9.24 13.79 5.26
C GLY B 302 -10.15 14.84 5.85
N GLY B 303 -10.90 15.55 5.00
CA GLY B 303 -11.67 16.69 5.46
C GLY B 303 -10.91 17.69 6.31
N ARG B 304 -9.61 17.86 6.07
CA ARG B 304 -8.82 18.72 6.93
C ARG B 304 -8.87 20.18 6.48
N ARG B 305 -9.19 20.43 5.22
CA ARG B 305 -9.16 21.75 4.63
C ARG B 305 -10.53 22.43 4.63
N ALA B 306 -11.38 22.12 5.61
CA ALA B 306 -12.74 22.63 5.60
C ALA B 306 -12.80 24.01 6.23
N GLY B 307 -13.39 24.97 5.50
CA GLY B 307 -13.33 26.36 5.89
C GLY B 307 -12.00 27.03 5.62
N GLU B 308 -11.04 26.33 5.02
CA GLU B 308 -9.78 26.93 4.66
C GLU B 308 -9.94 27.75 3.38
N SER B 309 -9.51 29.00 3.42
CA SER B 309 -9.69 29.90 2.30
C SER B 309 -8.91 29.41 1.08
N GLY B 310 -9.37 29.82 -0.12
CA GLY B 310 -8.82 29.34 -1.36
C GLY B 310 -8.99 27.86 -1.58
N HIS B 311 -9.65 27.21 -0.65
CA HIS B 311 -9.76 25.78 -0.65
C HIS B 311 -11.23 25.64 -0.93
N THR B 312 -11.57 25.48 -2.20
CA THR B 312 -12.94 25.31 -2.54
C THR B 312 -13.14 24.76 -3.90
N VAL B 313 -14.23 24.05 -4.01
CA VAL B 313 -14.47 23.17 -5.12
C VAL B 313 -14.20 23.85 -6.44
N ALA B 314 -14.48 25.13 -6.49
CA ALA B 314 -14.12 25.89 -7.66
C ALA B 314 -12.61 25.80 -7.77
N ASP B 315 -11.96 25.80 -6.62
CA ASP B 315 -10.55 25.78 -6.62
C ASP B 315 -10.28 24.37 -6.93
N TYR B 316 -10.83 23.48 -6.12
CA TYR B 316 -10.41 22.08 -6.26
C TYR B 316 -10.70 21.54 -7.65
N LEU B 317 -11.88 21.84 -8.20
CA LEU B 317 -12.23 21.40 -9.54
C LEU B 317 -11.11 21.74 -10.53
N LYS B 318 -10.76 23.03 -10.62
CA LYS B 318 -9.65 23.47 -11.47
C LYS B 318 -8.40 22.62 -11.26
N PHE B 319 -8.04 22.36 -10.01
CA PHE B 319 -6.87 21.54 -9.69
C PHE B 319 -7.01 20.12 -10.23
N LYS B 320 -8.18 19.52 -10.02
CA LYS B 320 -8.40 18.11 -10.41
C LYS B 320 -8.38 17.93 -11.93
N ASP B 321 -8.88 18.92 -12.69
CA ASP B 321 -8.79 18.84 -14.15
C ASP B 321 -7.35 18.80 -14.61
N LEU B 322 -6.52 19.71 -14.11
CA LEU B 322 -5.15 19.74 -14.62
C LEU B 322 -4.40 18.45 -14.26
N ILE B 323 -4.63 17.93 -13.05
CA ILE B 323 -4.06 16.62 -12.74
C ILE B 323 -4.46 15.60 -13.80
N LEU B 324 -5.77 15.51 -14.07
CA LEU B 324 -6.26 14.52 -15.03
C LEU B 324 -5.61 14.70 -16.39
N ARG B 325 -5.49 15.93 -16.88
CA ARG B 325 -4.84 16.06 -18.18
C ARG B 325 -3.32 15.86 -18.06
N MET B 326 -2.76 15.96 -16.85
CA MET B 326 -1.38 15.54 -16.66
C MET B 326 -1.24 14.02 -16.63
N LEU B 327 -2.26 13.31 -16.11
CA LEU B 327 -2.28 11.85 -16.01
C LEU B 327 -3.06 11.19 -17.15
N ASP B 328 -3.10 11.82 -18.31
CA ASP B 328 -3.67 11.18 -19.47
C ASP B 328 -2.80 10.01 -19.94
N TYR B 329 -3.44 8.86 -20.19
CA TYR B 329 -2.73 7.64 -20.61
C TYR B 329 -1.93 7.84 -21.90
N ASP B 330 -2.35 8.76 -22.76
CA ASP B 330 -1.77 8.87 -24.09
C ASP B 330 -0.66 9.91 -24.09
N PRO B 331 0.61 9.50 -24.25
CA PRO B 331 1.69 10.49 -24.20
C PRO B 331 1.51 11.62 -25.20
N LYS B 332 0.93 11.32 -26.37
CA LYS B 332 0.73 12.33 -27.40
C LYS B 332 -0.29 13.39 -27.00
N THR B 333 -1.31 13.04 -26.20
CA THR B 333 -2.39 13.96 -25.86
C THR B 333 -2.32 14.47 -24.42
N ARG B 334 -1.34 14.00 -23.65
CA ARG B 334 -1.16 14.50 -22.30
C ARG B 334 -0.70 15.94 -22.36
N ILE B 335 -1.43 16.82 -21.68
CA ILE B 335 -1.19 18.26 -21.73
C ILE B 335 0.32 18.50 -21.70
N GLN B 336 0.75 19.59 -22.30
CA GLN B 336 2.15 19.94 -22.40
C GLN B 336 2.44 21.22 -21.62
N PRO B 337 3.70 21.42 -21.23
CA PRO B 337 4.00 22.46 -20.22
C PRO B 337 3.46 23.84 -20.59
N TYR B 338 3.74 24.29 -21.80
CA TYR B 338 3.19 25.52 -22.36
C TYR B 338 1.71 25.84 -22.17
N TYR B 339 0.92 24.77 -22.15
CA TYR B 339 -0.52 24.86 -22.06
C TYR B 339 -0.89 24.58 -20.67
N ALA B 340 -0.14 23.71 -20.01
CA ALA B 340 -0.33 23.50 -18.59
C ALA B 340 -0.44 24.80 -17.87
N LEU B 341 0.18 25.78 -18.48
CA LEU B 341 0.44 27.09 -17.96
C LEU B 341 -0.78 27.97 -18.05
N GLN B 342 -1.50 27.88 -19.16
CA GLN B 342 -2.69 28.66 -19.29
C GLN B 342 -3.77 28.19 -18.34
N HIS B 343 -3.59 27.05 -17.73
CA HIS B 343 -4.74 26.37 -17.15
C HIS B 343 -5.45 27.24 -16.11
N SER B 344 -6.78 27.17 -16.10
CA SER B 344 -7.60 27.91 -15.16
C SER B 344 -7.19 27.72 -13.70
N PHE B 345 -6.30 26.76 -13.41
CA PHE B 345 -5.90 26.55 -12.02
C PHE B 345 -4.93 27.64 -11.56
N PHE B 346 -4.21 28.24 -12.51
CA PHE B 346 -3.28 29.33 -12.24
C PHE B 346 -3.89 30.72 -12.47
C1 EKU C . -21.80 -19.82 3.47
C2 EKU C . -20.59 -20.49 3.76
C3 EKU C . -19.47 -20.21 2.98
C4 EKU C . -18.14 -20.84 3.20
C5 EKU C . -17.03 -20.45 2.32
C6 EKU C . -17.18 -19.49 1.28
C EKU C . -21.83 -18.91 2.42
O EKU C . -22.98 -18.19 2.09
C10 EKU C . -14.87 -19.73 0.67
C11 EKU C . -14.73 -20.64 1.63
C12 EKU C . -15.73 -21.02 2.46
C7 EKU C . -19.55 -19.27 1.95
C8 EKU C . -20.71 -18.63 1.68
C9 EKU C . -16.09 -19.14 0.47
O1 EKU C . -20.37 -21.43 4.76
O2 EKU C . -18.46 -18.94 1.11
O3 EKU C . -16.27 -18.18 -0.55
O4 EKU C . -15.45 -21.97 3.45
O5 EKU C . -17.90 -21.80 4.19
H1 EKU C . -22.56 -19.99 3.96
H EKU C . -23.06 -18.14 1.24
H5 EKU C . -14.15 -19.51 0.13
H6 EKU C . -13.89 -21.03 1.74
H3 EKU C . -20.75 -18.01 1.00
H2 EKU C . -20.18 -22.18 4.40
H4 EKU C . -17.09 -18.00 -0.63
H7 EKU C . -14.66 -21.83 3.75
C1 EKU D . 21.62 21.23 -3.58
C2 EKU D . 21.78 20.30 -4.54
C3 EKU D . 21.51 18.97 -4.33
C4 EKU D . 21.68 18.05 -5.34
C5 EKU D . 21.38 16.78 -5.02
C6 EKU D . 20.94 16.51 -3.75
C EKU D . 21.20 20.82 -2.38
O EKU D . 21.07 21.78 -1.48
C10 EKU D . 20.77 14.23 -4.35
C11 EKU D . 21.20 14.53 -5.61
C12 EKU D . 21.50 15.81 -5.94
C7 EKU D . 21.06 18.55 -3.12
C8 EKU D . 20.92 19.50 -2.13
C9 EKU D . 20.63 15.22 -3.45
O1 EKU D . 22.19 20.67 -5.74
O2 EKU D . 20.80 17.37 -2.88
O3 EKU D . 20.20 14.92 -2.23
O4 EKU D . 21.92 16.09 -7.18
O5 EKU D . 22.06 18.39 -6.45
H1 EKU D . 21.84 22.26 -3.76
H EKU D . 20.81 21.41 -0.63
H5 EKU D . 20.51 13.22 -4.07
H6 EKU D . 21.30 13.74 -6.34
H3 EKU D . 20.56 19.21 -1.16
H2 EKU D . 21.68 21.44 -6.01
H4 EKU D . 19.44 14.33 -2.31
H7 EKU D . 22.85 16.36 -7.13
#